data_4RA7
#
_entry.id   4RA7
#
_cell.length_a   68.399
_cell.length_b   70.059
_cell.length_c   114.567
_cell.angle_alpha   90.00
_cell.angle_beta   96.97
_cell.angle_gamma   90.00
#
_symmetry.space_group_name_H-M   'P 1 21 1'
#
loop_
_entity.id
_entity.type
_entity.pdbx_description
1 polymer 'Peptidoglycan glycosyltransferase'
2 non-polymer '(2R,4S)-2-[(1R)-2-hydroxy-1-{[(2-hydroxynaphthalen-1-yl)carbonyl]amino}ethyl]-5,5-dimethyl-1,3-thiazolidine-4-carboxylic acid'
3 water water
#
_entity_poly.entity_id   1
_entity_poly.type   'polypeptide(L)'
_entity_poly.pdbx_seq_one_letter_code
;SNAIDAPRLQALPTNNHTIAKSAYVQRGAIITSDGVTLAESVKQDDGTYVRNYPHDG(MSE)ASHTVGYISTQYGTAGIE
SS(MSE)NETLTGHADHSDWRSALYS(MSE)AGINTTGSSVVLTINSQ(MSE)QAVAEAALQGYSGSIVV(MSE)DPSTG
AVLAKASSPSYTHAELGTIIESGTGSQLVDRTTQALYSPGSSFKTVTLAAGIDTHKTTLDTTYSAPGT(MSE)EIGGGTI
HNYANED(MSE)GTIPLREAFARSSNTALAQLGVALGADNLVSYARAFGYGTALGQDFSTTPSL(MSE)PNPAE(MSE)T
TWELAWASCGLPVGEHASPAGPQTTV(MSE)QNAVIAAAIANGGVV(MSE)NPYIVDRVLSPEGAVVSTTSPKSLGQAVS
ADTAAQVREA(MSE)LGVVESGTG(MSE)GARVPGVKIAGKTGTADVENGNFNSFFIGFAPYDHPTLVVSVVIEGNGENV
LGYGAQVGGRVLAQCLNIQALGAAS
;
_entity_poly.pdbx_strand_id   A,B
#
loop_
_chem_comp.id
_chem_comp.type
_chem_comp.name
_chem_comp.formula
NXU non-polymer '(2R,4S)-2-[(1R)-2-hydroxy-1-{[(2-hydroxynaphthalen-1-yl)carbonyl]amino}ethyl]-5,5-dimethyl-1,3-thiazolidine-4-carboxylic acid' 'C19 H22 N2 O5 S'
#
# COMPACT_ATOMS: atom_id res chain seq x y z
N SER A 22 11.85 44.05 -28.25
CA SER A 22 11.68 42.55 -28.08
C SER A 22 11.15 42.13 -26.69
N ALA A 23 11.48 42.89 -25.65
CA ALA A 23 10.86 42.74 -24.34
C ALA A 23 9.67 43.70 -24.20
N TYR A 24 9.34 44.40 -25.27
CA TYR A 24 8.14 45.23 -25.32
C TYR A 24 6.96 44.47 -25.91
N VAL A 25 7.19 43.22 -26.34
CA VAL A 25 6.16 42.38 -26.93
C VAL A 25 5.79 41.30 -25.95
N GLN A 26 4.52 41.27 -25.54
CA GLN A 26 3.99 40.29 -24.59
C GLN A 26 4.28 38.83 -24.96
N ARG A 27 4.74 38.07 -23.98
CA ARG A 27 4.96 36.66 -24.18
C ARG A 27 3.62 35.95 -23.93
N GLY A 28 3.34 34.93 -24.73
CA GLY A 28 2.13 34.13 -24.54
C GLY A 28 2.12 33.31 -23.24
N ALA A 29 0.94 32.89 -22.82
CA ALA A 29 0.77 32.09 -21.60
C ALA A 29 1.05 30.59 -21.81
N ILE A 30 1.25 29.89 -20.69
CA ILE A 30 1.29 28.43 -20.63
C ILE A 30 0.21 28.01 -19.62
N ILE A 31 -0.69 27.15 -20.08
CA ILE A 31 -1.97 26.87 -19.42
C ILE A 31 -2.17 25.37 -19.44
N THR A 32 -2.65 24.80 -18.34
CA THR A 32 -2.94 23.35 -18.30
C THR A 32 -4.19 23.07 -19.13
N SER A 33 -4.47 21.79 -19.37
CA SER A 33 -5.64 21.42 -20.17
C SER A 33 -6.94 21.78 -19.44
N ASP A 34 -6.92 21.78 -18.10
CA ASP A 34 -8.12 22.17 -17.35
C ASP A 34 -8.13 23.64 -17.01
N GLY A 35 -7.40 24.43 -17.77
CA GLY A 35 -7.56 25.88 -17.72
C GLY A 35 -6.77 26.59 -16.64
N VAL A 36 -5.78 25.96 -16.03
CA VAL A 36 -5.01 26.66 -15.01
C VAL A 36 -3.74 27.29 -15.57
N THR A 37 -3.57 28.60 -15.33
CA THR A 37 -2.46 29.35 -15.92
C THR A 37 -1.21 29.15 -15.09
N LEU A 38 -0.17 28.60 -15.72
CA LEU A 38 1.08 28.30 -15.02
C LEU A 38 2.12 29.37 -15.24
N ALA A 39 2.08 30.03 -16.41
CA ALA A 39 3.00 31.12 -16.68
C ALA A 39 2.30 32.20 -17.50
N GLU A 40 2.64 33.44 -17.21
CA GLU A 40 1.91 34.65 -17.65
C GLU A 40 2.92 35.77 -17.88
N SER A 41 2.59 36.76 -18.69
CA SER A 41 3.46 37.93 -18.77
C SER A 41 2.65 39.18 -18.47
N VAL A 42 3.22 40.02 -17.64
CA VAL A 42 2.55 41.23 -17.20
C VAL A 42 3.38 42.44 -17.60
N LYS A 43 2.72 43.36 -18.29
CA LYS A 43 3.31 44.63 -18.72
C LYS A 43 3.71 45.55 -17.54
N GLN A 44 4.90 46.12 -17.62
CA GLN A 44 5.27 47.21 -16.73
C GLN A 44 4.96 48.55 -17.36
N ASP A 45 5.00 49.59 -16.54
CA ASP A 45 4.91 50.98 -16.99
C ASP A 45 6.18 51.39 -17.70
N ASP A 46 7.31 50.80 -17.31
CA ASP A 46 8.56 50.83 -18.08
C ASP A 46 8.39 50.44 -19.58
N GLY A 47 7.42 49.57 -19.89
CA GLY A 47 7.13 49.12 -21.26
C GLY A 47 7.43 47.64 -21.48
N THR A 48 8.35 47.12 -20.67
CA THR A 48 8.74 45.72 -20.76
C THR A 48 7.74 44.83 -20.03
N TYR A 49 8.05 43.53 -20.00
CA TYR A 49 7.13 42.53 -19.54
C TYR A 49 7.77 41.64 -18.49
N VAL A 50 7.10 41.49 -17.35
CA VAL A 50 7.60 40.58 -16.31
C VAL A 50 6.85 39.24 -16.31
N ARG A 51 7.63 38.17 -16.25
CA ARG A 51 7.09 36.81 -16.24
C ARG A 51 6.54 36.52 -14.83
N ASN A 52 5.29 36.09 -14.76
CA ASN A 52 4.63 35.75 -13.50
C ASN A 52 4.20 34.27 -13.47
N TYR A 53 4.24 33.64 -12.29
CA TYR A 53 3.95 32.22 -12.11
C TYR A 53 2.89 32.02 -11.01
N PRO A 54 1.59 32.04 -11.37
CA PRO A 54 0.57 32.13 -10.30
C PRO A 54 0.55 30.94 -9.35
N HIS A 55 1.00 29.77 -9.83
CA HIS A 55 1.04 28.57 -8.99
C HIS A 55 2.45 28.09 -8.86
N ASP A 56 3.34 29.06 -8.66
CA ASP A 56 4.77 28.84 -8.64
C ASP A 56 5.13 27.58 -7.85
N GLY A 57 5.77 26.62 -8.51
CA GLY A 57 6.14 25.38 -7.84
C GLY A 57 5.45 24.19 -8.47
N MSE A 58 4.44 24.45 -9.31
CA MSE A 58 3.71 23.36 -9.97
C MSE A 58 4.35 23.08 -11.31
O MSE A 58 4.48 23.99 -12.14
CB MSE A 58 2.26 23.77 -10.23
CG MSE A 58 1.55 22.64 -10.96
SE MSE A 58 -0.44 22.78 -11.05
CE MSE A 58 -0.66 21.60 -9.47
N ALA A 59 4.67 21.81 -11.55
CA ALA A 59 5.19 21.36 -12.85
C ALA A 59 6.37 22.18 -13.32
N SER A 60 7.24 22.52 -12.39
CA SER A 60 8.29 23.50 -12.63
C SER A 60 9.20 23.06 -13.80
N HIS A 61 9.60 21.80 -13.84
CA HIS A 61 10.52 21.32 -14.92
C HIS A 61 9.88 21.38 -16.28
N THR A 62 8.58 21.14 -16.34
CA THR A 62 7.85 21.12 -17.60
C THR A 62 7.61 22.52 -18.15
N VAL A 63 7.25 23.42 -17.25
CA VAL A 63 7.06 24.83 -17.61
C VAL A 63 8.39 25.44 -18.06
N GLY A 64 9.44 25.22 -17.25
CA GLY A 64 10.80 25.59 -17.63
C GLY A 64 11.14 27.07 -17.50
N TYR A 65 12.20 27.48 -18.19
CA TYR A 65 12.77 28.80 -18.05
C TYR A 65 13.80 29.08 -19.12
N ILE A 66 14.19 30.34 -19.20
CA ILE A 66 15.25 30.84 -20.04
C ILE A 66 16.11 31.65 -19.10
N SER A 67 17.29 31.14 -18.74
CA SER A 67 18.11 31.77 -17.69
C SER A 67 19.56 31.75 -18.13
N THR A 68 20.21 32.89 -18.10
CA THR A 68 21.62 32.92 -18.44
C THR A 68 22.43 31.98 -17.54
N GLN A 69 22.12 32.00 -16.26
CA GLN A 69 22.88 31.21 -15.33
C GLN A 69 22.59 29.74 -15.45
N TYR A 70 21.32 29.41 -15.58
CA TYR A 70 20.85 28.04 -15.42
C TYR A 70 20.51 27.34 -16.69
N GLY A 71 20.51 28.05 -17.82
CA GLY A 71 20.25 27.44 -19.10
C GLY A 71 18.78 27.61 -19.45
N THR A 72 18.33 26.78 -20.38
CA THR A 72 16.93 26.77 -20.81
C THR A 72 16.35 25.37 -20.57
N ALA A 73 15.05 25.30 -20.35
CA ALA A 73 14.40 24.01 -20.09
C ALA A 73 12.91 24.13 -20.35
N GLY A 74 12.28 22.99 -20.59
CA GLY A 74 10.83 22.91 -20.67
C GLY A 74 10.21 23.68 -21.82
N ILE A 75 8.91 23.95 -21.68
CA ILE A 75 8.09 24.60 -22.71
C ILE A 75 8.59 26.03 -22.96
N GLU A 76 8.98 26.73 -21.90
CA GLU A 76 9.48 28.11 -22.04
C GLU A 76 10.48 28.23 -23.16
N SER A 77 11.35 27.24 -23.31
CA SER A 77 12.39 27.31 -24.29
C SER A 77 11.88 26.70 -25.56
N SER A 78 11.44 25.44 -25.45
CA SER A 78 11.08 24.65 -26.60
C SER A 78 9.96 25.24 -27.46
N MSE A 79 9.08 26.05 -26.88
CA MSE A 79 8.00 26.70 -27.64
C MSE A 79 8.25 28.18 -27.64
O MSE A 79 7.32 28.98 -27.72
CB MSE A 79 6.64 26.41 -27.00
CG MSE A 79 6.24 24.93 -27.06
SE MSE A 79 5.52 24.41 -28.84
CE MSE A 79 6.56 22.73 -29.02
N ASN A 80 9.51 28.57 -27.59
CA ASN A 80 9.83 29.99 -27.41
C ASN A 80 9.27 30.88 -28.54
N GLU A 81 9.49 30.47 -29.79
CA GLU A 81 8.94 31.17 -30.98
C GLU A 81 7.45 31.48 -30.82
N THR A 82 6.66 30.43 -30.58
CA THR A 82 5.22 30.57 -30.45
C THR A 82 4.84 31.49 -29.32
N LEU A 83 5.56 31.37 -28.20
CA LEU A 83 5.33 32.22 -27.04
C LEU A 83 5.84 33.64 -27.30
N THR A 84 7.01 33.74 -27.93
CA THR A 84 7.56 35.01 -28.43
C THR A 84 6.71 35.57 -29.55
N TRP A 92 9.10 47.00 -42.18
CA TRP A 92 9.47 48.43 -42.01
C TRP A 92 9.36 48.85 -40.55
N ARG A 93 8.39 48.27 -39.87
CA ARG A 93 8.02 48.70 -38.54
C ARG A 93 8.94 48.09 -37.51
N SER A 94 9.63 47.04 -37.94
CA SER A 94 10.60 46.31 -37.12
C SER A 94 11.67 47.23 -36.56
N ALA A 95 12.04 48.25 -37.35
CA ALA A 95 13.07 49.22 -36.94
C ALA A 95 12.65 50.14 -35.78
N LEU A 96 11.34 50.33 -35.58
CA LEU A 96 10.85 51.18 -34.50
C LEU A 96 10.48 50.39 -33.24
N TYR A 97 11.25 50.52 -32.19
CA TYR A 97 10.95 49.84 -30.93
C TYR A 97 9.67 50.35 -30.30
N SER A 98 9.31 51.60 -30.54
CA SER A 98 8.05 52.17 -30.04
C SER A 98 6.84 51.47 -30.60
N MSE A 99 7.00 50.77 -31.72
CA MSE A 99 5.89 50.00 -32.32
C MSE A 99 5.88 48.52 -31.99
O MSE A 99 5.01 47.80 -32.46
CB MSE A 99 5.96 50.17 -33.84
CG MSE A 99 5.98 51.65 -34.15
SE MSE A 99 5.36 52.02 -35.97
CE MSE A 99 6.86 51.34 -37.04
N ALA A 100 6.81 48.04 -31.19
CA ALA A 100 6.89 46.62 -30.85
C ALA A 100 5.58 46.05 -30.28
N GLY A 101 5.03 46.75 -29.30
CA GLY A 101 3.82 46.30 -28.61
C GLY A 101 2.59 46.21 -29.49
N ILE A 102 2.17 47.35 -30.01
CA ILE A 102 0.99 47.43 -30.89
C ILE A 102 0.94 46.29 -31.88
N ASN A 103 2.09 45.95 -32.45
CA ASN A 103 2.16 44.92 -33.47
C ASN A 103 2.03 43.38 -33.47
N THR A 104 3.01 42.66 -32.94
CA THR A 104 2.86 41.25 -32.61
C THR A 104 2.48 41.05 -31.14
N THR A 105 2.06 39.82 -30.81
CA THR A 105 1.83 39.36 -29.41
C THR A 105 1.98 37.85 -29.40
N GLY A 106 2.58 37.30 -28.35
CA GLY A 106 2.77 35.87 -28.28
C GLY A 106 1.48 35.09 -28.12
N SER A 107 1.40 33.93 -28.77
CA SER A 107 0.25 33.04 -28.62
C SER A 107 0.55 32.01 -27.53
N SER A 108 -0.52 31.56 -26.87
CA SER A 108 -0.40 30.72 -25.69
C SER A 108 -0.25 29.27 -26.05
N VAL A 109 0.23 28.51 -25.09
CA VAL A 109 0.37 27.11 -25.28
C VAL A 109 -0.51 26.42 -24.24
N VAL A 110 -1.38 25.52 -24.69
CA VAL A 110 -2.21 24.74 -23.77
C VAL A 110 -1.66 23.31 -23.64
N LEU A 111 -1.29 22.92 -22.43
CA LEU A 111 -0.68 21.60 -22.20
C LEU A 111 -1.75 20.54 -22.07
N THR A 112 -1.35 19.29 -22.28
CA THR A 112 -2.17 18.15 -21.99
C THR A 112 -2.16 17.84 -20.48
N ILE A 113 -1.22 18.41 -19.76
CA ILE A 113 -1.18 18.27 -18.29
C ILE A 113 -2.52 18.69 -17.64
N ASN A 114 -3.01 17.85 -16.74
CA ASN A 114 -4.20 18.16 -15.92
C ASN A 114 -3.76 18.57 -14.53
N SER A 115 -4.25 19.70 -14.05
CA SER A 115 -3.71 20.33 -12.84
C SER A 115 -3.96 19.49 -11.60
N GLN A 116 -5.08 18.77 -11.58
CA GLN A 116 -5.43 17.93 -10.44
C GLN A 116 -4.59 16.66 -10.40
N MSE A 117 -4.33 16.07 -11.57
CA MSE A 117 -3.48 14.86 -11.64
C MSE A 117 -2.07 15.26 -11.34
O MSE A 117 -1.34 14.52 -10.73
CB MSE A 117 -3.59 14.21 -12.98
CG MSE A 117 -4.95 13.60 -13.25
SE MSE A 117 -4.98 12.60 -14.93
CE MSE A 117 -6.92 12.49 -15.10
N GLN A 118 -1.67 16.46 -11.75
CA GLN A 118 -0.33 16.95 -11.46
C GLN A 118 -0.10 17.09 -9.93
N ALA A 119 -1.08 17.69 -9.24
CA ALA A 119 -1.05 17.87 -7.79
C ALA A 119 -1.00 16.54 -7.05
N VAL A 120 -1.76 15.57 -7.54
CA VAL A 120 -1.68 14.18 -7.07
C VAL A 120 -0.24 13.63 -7.15
N ALA A 121 0.38 13.77 -8.32
CA ALA A 121 1.73 13.26 -8.49
C ALA A 121 2.71 13.98 -7.60
N GLU A 122 2.58 15.30 -7.52
CA GLU A 122 3.50 16.07 -6.69
C GLU A 122 3.36 15.73 -5.19
N ALA A 123 2.14 15.53 -4.70
CA ALA A 123 1.91 15.13 -3.30
C ALA A 123 2.54 13.78 -2.96
N ALA A 124 2.48 12.87 -3.91
CA ALA A 124 2.96 11.51 -3.72
C ALA A 124 4.49 11.49 -3.60
N LEU A 125 5.15 12.51 -4.14
CA LEU A 125 6.62 12.63 -4.08
C LEU A 125 7.19 13.43 -2.90
N GLN A 126 6.32 14.08 -2.14
CA GLN A 126 6.72 14.85 -0.97
C GLN A 126 7.59 14.03 -0.07
N GLY A 127 8.76 14.56 0.21
CA GLY A 127 9.70 13.89 1.10
C GLY A 127 10.59 12.88 0.42
N TYR A 128 10.51 12.72 -0.90
CA TYR A 128 11.28 11.72 -1.64
C TYR A 128 11.94 12.33 -2.85
N SER A 129 13.03 11.74 -3.29
CA SER A 129 13.56 12.04 -4.62
C SER A 129 13.08 10.99 -5.59
N GLY A 130 12.73 11.45 -6.80
CA GLY A 130 12.29 10.54 -7.86
C GLY A 130 11.39 11.23 -8.84
N SER A 131 10.55 10.46 -9.50
CA SER A 131 9.67 11.05 -10.49
C SER A 131 8.48 10.18 -10.84
N ILE A 132 7.46 10.85 -11.34
CA ILE A 132 6.18 10.23 -11.71
C ILE A 132 5.73 10.76 -13.09
N VAL A 133 5.25 9.88 -13.95
CA VAL A 133 4.58 10.22 -15.22
C VAL A 133 3.25 9.51 -15.26
N VAL A 134 2.19 10.29 -15.55
CA VAL A 134 0.89 9.73 -15.92
C VAL A 134 0.57 10.06 -17.37
N MSE A 135 0.19 9.04 -18.14
CA MSE A 135 -0.09 9.20 -19.57
C MSE A 135 -1.34 8.47 -20.00
O MSE A 135 -1.75 7.41 -19.38
CB MSE A 135 1.15 8.63 -20.27
CG MSE A 135 1.17 8.55 -21.77
SE MSE A 135 2.80 7.44 -22.27
CE MSE A 135 4.00 8.88 -21.81
N ASP A 136 -1.94 8.98 -21.07
CA ASP A 136 -3.06 8.34 -21.74
C ASP A 136 -2.54 7.26 -22.70
N PRO A 137 -2.92 5.99 -22.52
CA PRO A 137 -2.22 4.98 -23.33
C PRO A 137 -2.58 4.96 -24.83
N SER A 138 -3.73 5.49 -25.20
CA SER A 138 -4.11 5.37 -26.58
C SER A 138 -3.52 6.52 -27.44
N THR A 139 -3.07 7.59 -26.77
CA THR A 139 -2.52 8.75 -27.51
C THR A 139 -1.07 9.06 -27.18
N GLY A 140 -0.64 8.75 -25.96
CA GLY A 140 0.65 9.20 -25.47
C GLY A 140 0.60 10.60 -24.84
N ALA A 141 -0.59 11.17 -24.71
CA ALA A 141 -0.70 12.49 -24.08
C ALA A 141 -0.20 12.38 -22.64
N VAL A 142 0.63 13.32 -22.20
CA VAL A 142 1.12 13.32 -20.84
C VAL A 142 0.22 14.16 -19.91
N LEU A 143 -0.38 13.47 -18.97
CA LEU A 143 -1.36 14.06 -18.08
C LEU A 143 -0.80 14.56 -16.77
N ALA A 144 0.32 13.97 -16.32
CA ALA A 144 1.05 14.47 -15.16
C ALA A 144 2.52 14.10 -15.30
N LYS A 145 3.41 15.01 -14.93
CA LYS A 145 4.87 14.79 -15.07
C LYS A 145 5.52 15.54 -13.95
N ALA A 146 6.05 14.82 -12.96
CA ALA A 146 6.59 15.45 -11.76
C ALA A 146 7.95 14.90 -11.45
N SER A 147 8.86 15.80 -11.18
CA SER A 147 10.21 15.42 -10.70
C SER A 147 10.45 16.01 -9.30
N SER A 148 11.15 15.28 -8.44
CA SER A 148 11.44 15.72 -7.07
C SER A 148 12.89 15.39 -6.70
N PRO A 149 13.60 16.30 -6.00
CA PRO A 149 13.12 17.57 -5.45
C PRO A 149 12.93 18.57 -6.55
N SER A 150 12.09 19.57 -6.29
CA SER A 150 11.77 20.53 -7.32
C SER A 150 12.16 21.92 -6.82
N TYR A 151 11.61 22.95 -7.44
CA TYR A 151 12.01 24.30 -7.15
C TYR A 151 10.86 25.20 -7.58
N THR A 152 10.90 26.44 -7.11
CA THR A 152 9.98 27.45 -7.58
C THR A 152 10.79 28.38 -8.46
N HIS A 153 10.13 29.06 -9.39
CA HIS A 153 10.80 30.04 -10.26
C HIS A 153 11.33 31.25 -9.49
N ALA A 154 10.75 31.51 -8.33
CA ALA A 154 11.30 32.51 -7.44
C ALA A 154 12.74 32.16 -6.98
N GLU A 155 13.05 30.88 -6.81
CA GLU A 155 14.39 30.44 -6.34
C GLU A 155 15.52 30.49 -7.39
N LEU A 156 15.14 30.67 -8.65
CA LEU A 156 16.12 30.75 -9.74
C LEU A 156 16.96 32.01 -9.64
N GLY A 157 16.42 33.03 -8.97
CA GLY A 157 17.12 34.29 -8.81
C GLY A 157 17.90 34.35 -7.52
N THR A 158 17.79 33.30 -6.71
CA THR A 158 18.49 33.23 -5.43
C THR A 158 19.80 32.46 -5.47
N ILE A 159 19.71 31.13 -5.37
CA ILE A 159 20.88 30.27 -5.46
C ILE A 159 20.59 29.05 -6.34
N ILE A 160 19.74 28.16 -5.84
CA ILE A 160 19.39 26.95 -6.57
C ILE A 160 20.62 26.14 -6.92
N SER A 166 20.79 19.13 -7.99
CA SER A 166 19.87 18.05 -7.97
C SER A 166 18.52 18.56 -8.42
N GLN A 167 17.98 19.57 -7.72
CA GLN A 167 16.63 20.12 -8.01
C GLN A 167 16.38 20.42 -9.48
N LEU A 168 17.40 20.87 -10.19
CA LEU A 168 17.18 21.27 -11.58
C LEU A 168 17.08 20.12 -12.56
N VAL A 169 17.56 18.93 -12.18
CA VAL A 169 17.44 17.76 -13.06
C VAL A 169 15.99 17.31 -13.23
N ASP A 170 15.56 17.11 -14.47
CA ASP A 170 14.22 16.57 -14.76
C ASP A 170 14.31 15.06 -14.79
N ARG A 171 13.96 14.45 -13.65
CA ARG A 171 14.14 13.00 -13.47
C ARG A 171 13.07 12.19 -14.17
N THR A 172 12.12 12.82 -14.86
CA THR A 172 11.18 12.10 -15.72
C THR A 172 11.82 11.79 -17.08
N THR A 173 12.69 12.64 -17.60
CA THR A 173 13.13 12.56 -19.02
C THR A 173 14.62 12.72 -19.26
N GLN A 174 15.33 13.26 -18.28
CA GLN A 174 16.73 13.65 -18.43
C GLN A 174 17.60 13.09 -17.36
N ALA A 175 17.25 11.91 -16.84
CA ALA A 175 18.12 11.14 -15.97
C ALA A 175 17.90 9.69 -16.35
N LEU A 176 18.96 8.93 -16.39
CA LEU A 176 18.93 7.51 -16.72
C LEU A 176 19.11 6.67 -15.49
N TYR A 177 18.45 5.52 -15.49
CA TYR A 177 18.48 4.61 -14.33
C TYR A 177 18.56 3.19 -14.85
N SER A 178 19.15 2.28 -14.06
CA SER A 178 18.88 0.85 -14.27
C SER A 178 17.45 0.60 -13.91
N PRO A 179 16.67 0.03 -14.86
CA PRO A 179 15.26 -0.23 -14.55
C PRO A 179 15.00 -1.42 -13.65
N GLY A 180 16.02 -2.25 -13.43
CA GLY A 180 15.82 -3.52 -12.75
C GLY A 180 14.65 -4.31 -13.32
N SER A 181 13.94 -5.01 -12.45
CA SER A 181 12.94 -5.99 -12.89
C SER A 181 11.74 -5.38 -13.64
N SER A 182 11.57 -4.07 -13.64
CA SER A 182 10.50 -3.45 -14.48
C SER A 182 10.75 -3.73 -15.97
N PHE A 183 12.02 -3.95 -16.32
CA PHE A 183 12.41 -4.26 -17.71
C PHE A 183 12.01 -5.69 -18.10
N LYS A 184 11.63 -6.52 -17.12
CA LYS A 184 11.19 -7.87 -17.51
C LYS A 184 9.92 -7.85 -18.37
N THR A 185 9.16 -6.76 -18.33
CA THR A 185 7.99 -6.60 -19.17
C THR A 185 8.44 -6.71 -20.64
N VAL A 186 9.59 -6.14 -20.97
CA VAL A 186 10.13 -6.21 -22.35
C VAL A 186 10.59 -7.65 -22.67
N THR A 187 11.31 -8.27 -21.75
CA THR A 187 11.80 -9.65 -21.96
C THR A 187 10.62 -10.60 -22.17
N LEU A 188 9.59 -10.46 -21.33
CA LEU A 188 8.41 -11.26 -21.44
C LEU A 188 7.72 -11.02 -22.78
N ALA A 189 7.50 -9.76 -23.13
CA ALA A 189 6.82 -9.43 -24.37
C ALA A 189 7.57 -10.04 -25.56
N ALA A 190 8.89 -9.93 -25.59
CA ALA A 190 9.72 -10.52 -26.65
C ALA A 190 9.59 -12.02 -26.70
N GLY A 191 9.51 -12.65 -25.54
CA GLY A 191 9.52 -14.11 -25.47
C GLY A 191 8.20 -14.65 -25.97
N ILE A 192 7.11 -13.98 -25.62
CA ILE A 192 5.80 -14.36 -26.11
C ILE A 192 5.63 -14.05 -27.61
N ASP A 193 6.07 -12.89 -28.06
CA ASP A 193 5.90 -12.48 -29.45
C ASP A 193 6.71 -13.28 -30.46
N THR A 194 7.88 -13.76 -30.07
CA THR A 194 8.66 -14.62 -30.92
C THR A 194 8.19 -16.09 -30.82
N HIS A 195 7.17 -16.37 -30.02
CA HIS A 195 6.63 -17.72 -29.87
C HIS A 195 7.65 -18.70 -29.32
N LYS A 196 8.49 -18.22 -28.42
CA LYS A 196 9.49 -19.03 -27.75
C LYS A 196 9.04 -19.51 -26.37
N THR A 197 7.95 -18.94 -25.84
CA THR A 197 7.43 -19.38 -24.54
C THR A 197 5.97 -18.94 -24.40
N THR A 198 5.33 -19.35 -23.30
CA THR A 198 3.95 -18.95 -22.98
C THR A 198 3.91 -18.70 -21.49
N LEU A 199 2.85 -18.06 -21.04
CA LEU A 199 2.67 -17.82 -19.62
C LEU A 199 2.61 -19.10 -18.76
N ASP A 200 2.13 -20.20 -19.33
CA ASP A 200 2.05 -21.42 -18.60
C ASP A 200 3.22 -22.36 -18.77
N THR A 201 4.22 -22.01 -19.57
CA THR A 201 5.43 -22.81 -19.66
C THR A 201 6.22 -22.79 -18.32
N THR A 202 6.68 -23.94 -17.85
CA THR A 202 7.36 -23.97 -16.56
C THR A 202 8.81 -23.70 -16.72
N TYR A 203 9.40 -23.10 -15.68
CA TYR A 203 10.78 -22.70 -15.62
C TYR A 203 11.28 -23.07 -14.22
N SER A 204 12.54 -23.49 -14.21
CA SER A 204 13.27 -23.71 -12.98
C SER A 204 13.68 -22.34 -12.46
N ALA A 205 13.43 -22.08 -11.18
CA ALA A 205 13.69 -20.79 -10.61
C ALA A 205 14.46 -20.93 -9.28
N PRO A 206 15.69 -21.42 -9.37
CA PRO A 206 16.50 -21.64 -8.17
C PRO A 206 17.01 -20.33 -7.58
N GLY A 207 17.47 -20.40 -6.32
CA GLY A 207 18.01 -19.23 -5.65
C GLY A 207 19.21 -18.65 -6.39
N THR A 208 19.99 -19.55 -7.00
CA THR A 208 21.26 -19.26 -7.67
C THR A 208 21.44 -20.19 -8.90
N MSE A 209 22.07 -19.74 -9.99
CA MSE A 209 22.29 -20.54 -11.21
C MSE A 209 23.45 -20.00 -11.99
O MSE A 209 23.59 -18.80 -12.12
CB MSE A 209 21.01 -20.42 -12.05
CG MSE A 209 20.88 -21.42 -13.20
SE MSE A 209 19.22 -20.94 -14.18
CE MSE A 209 19.69 -22.01 -15.75
N GLU A 210 24.30 -20.85 -12.52
CA GLU A 210 25.42 -20.41 -13.35
C GLU A 210 24.88 -20.11 -14.74
N ILE A 211 25.10 -18.91 -15.25
CA ILE A 211 24.76 -18.63 -16.65
C ILE A 211 25.89 -17.87 -17.26
N GLY A 212 26.37 -18.38 -18.38
CA GLY A 212 27.45 -17.76 -19.11
C GLY A 212 28.67 -17.65 -18.27
N GLY A 213 28.89 -18.62 -17.38
CA GLY A 213 30.03 -18.64 -16.49
C GLY A 213 29.99 -17.68 -15.33
N GLY A 214 28.86 -17.02 -15.09
CA GLY A 214 28.70 -16.13 -13.92
C GLY A 214 27.43 -16.53 -13.20
N THR A 215 27.17 -15.95 -12.03
CA THR A 215 26.04 -16.37 -11.20
C THR A 215 24.86 -15.42 -11.38
N ILE A 216 23.66 -15.98 -11.49
CA ILE A 216 22.43 -15.22 -11.41
C ILE A 216 21.74 -15.71 -10.14
N HIS A 217 21.20 -14.80 -9.34
CA HIS A 217 20.50 -15.15 -8.12
C HIS A 217 19.14 -14.46 -8.06
N ASN A 218 18.18 -15.13 -7.45
CA ASN A 218 16.92 -14.49 -7.09
C ASN A 218 17.23 -13.65 -5.91
N TYR A 219 16.33 -12.70 -5.66
CA TYR A 219 16.39 -11.90 -4.47
C TYR A 219 16.41 -12.77 -3.25
N ALA A 220 17.30 -12.45 -2.30
CA ALA A 220 17.46 -13.23 -1.07
C ALA A 220 17.83 -14.67 -1.37
N ASN A 221 18.32 -14.96 -2.57
CA ASN A 221 18.58 -16.33 -2.92
C ASN A 221 17.43 -17.30 -2.76
N GLU A 222 16.21 -16.82 -2.94
CA GLU A 222 15.05 -17.66 -2.78
C GLU A 222 14.97 -18.75 -3.87
N ASP A 223 14.98 -20.01 -3.44
CA ASP A 223 14.68 -21.13 -4.33
C ASP A 223 13.16 -21.19 -4.47
N MSE A 224 12.66 -21.02 -5.69
CA MSE A 224 11.23 -21.09 -5.94
C MSE A 224 10.83 -22.43 -6.54
O MSE A 224 9.65 -22.69 -6.73
CB MSE A 224 10.79 -19.95 -6.88
CG MSE A 224 11.30 -18.58 -6.46
SE MSE A 224 10.33 -17.20 -7.47
CE MSE A 224 10.89 -15.56 -6.56
N GLY A 225 11.80 -23.32 -6.81
CA GLY A 225 11.51 -24.57 -7.51
C GLY A 225 11.04 -24.33 -8.95
N THR A 226 10.34 -25.28 -9.52
CA THR A 226 9.83 -25.16 -10.89
C THR A 226 8.47 -24.48 -10.86
N ILE A 227 8.28 -23.40 -11.64
CA ILE A 227 7.03 -22.66 -11.65
C ILE A 227 6.65 -22.13 -13.04
N PRO A 228 5.36 -21.91 -13.27
CA PRO A 228 4.99 -21.32 -14.54
C PRO A 228 5.52 -19.90 -14.68
N LEU A 229 5.80 -19.51 -15.92
CA LEU A 229 6.31 -18.22 -16.20
C LEU A 229 5.44 -17.11 -15.65
N ARG A 230 4.11 -17.22 -15.69
CA ARG A 230 3.29 -16.11 -15.15
C ARG A 230 3.60 -15.87 -13.68
N GLU A 231 3.93 -16.97 -13.00
CA GLU A 231 4.28 -16.91 -11.58
C GLU A 231 5.73 -16.38 -11.39
N ALA A 232 6.69 -16.81 -12.24
CA ALA A 232 8.07 -16.28 -12.18
C ALA A 232 8.07 -14.78 -12.41
N PHE A 233 7.12 -14.31 -13.22
CA PHE A 233 6.99 -12.88 -13.51
C PHE A 233 6.34 -12.16 -12.33
N ALA A 234 5.24 -12.68 -11.83
CA ALA A 234 4.58 -12.12 -10.62
C ALA A 234 5.49 -12.02 -9.42
N ARG A 235 6.35 -13.05 -9.22
CA ARG A 235 7.24 -13.07 -8.06
C ARG A 235 8.57 -12.48 -8.39
N SER A 236 8.74 -12.12 -9.64
CA SER A 236 9.92 -11.51 -10.15
C SER A 236 11.22 -12.31 -9.92
N SER A 237 11.27 -13.56 -10.36
CA SER A 237 12.50 -14.37 -10.34
C SER A 237 13.50 -13.95 -11.40
N ASN A 238 14.69 -13.54 -10.96
CA ASN A 238 15.83 -13.33 -11.87
C ASN A 238 16.28 -14.62 -12.57
N THR A 239 16.41 -15.71 -11.83
CA THR A 239 16.88 -16.96 -12.51
C THR A 239 15.96 -17.41 -13.63
N ALA A 240 14.65 -17.29 -13.47
CA ALA A 240 13.73 -17.68 -14.57
C ALA A 240 13.75 -16.72 -15.73
N LEU A 241 13.61 -15.44 -15.46
CA LEU A 241 13.61 -14.48 -16.57
C LEU A 241 14.95 -14.41 -17.29
N ALA A 242 16.05 -14.59 -16.58
CA ALA A 242 17.35 -14.66 -17.25
C ALA A 242 17.38 -15.78 -18.26
N GLN A 243 16.77 -16.92 -17.94
CA GLN A 243 16.76 -18.02 -18.88
C GLN A 243 15.97 -17.67 -20.12
N LEU A 244 14.90 -16.88 -19.97
CA LEU A 244 14.13 -16.46 -21.09
C LEU A 244 14.97 -15.54 -21.97
N GLY A 245 15.62 -14.55 -21.35
CA GLY A 245 16.54 -13.68 -22.08
C GLY A 245 17.60 -14.45 -22.86
N VAL A 246 18.23 -15.44 -22.23
CA VAL A 246 19.21 -16.24 -22.93
C VAL A 246 18.60 -17.04 -24.10
N ALA A 247 17.36 -17.53 -23.92
CA ALA A 247 16.72 -18.22 -25.01
C ALA A 247 16.39 -17.25 -26.17
N LEU A 248 16.06 -15.99 -25.86
CA LEU A 248 15.84 -14.97 -26.90
C LEU A 248 17.10 -14.62 -27.69
N GLY A 249 18.20 -14.45 -26.98
CA GLY A 249 19.41 -13.98 -27.63
C GLY A 249 19.51 -12.47 -27.66
N ALA A 250 20.73 -11.98 -27.87
CA ALA A 250 20.99 -10.56 -27.82
C ALA A 250 20.28 -9.79 -28.91
N ASP A 251 20.31 -10.30 -30.13
CA ASP A 251 19.66 -9.63 -31.26
C ASP A 251 18.16 -9.33 -30.98
N ASN A 252 17.44 -10.35 -30.53
CA ASN A 252 16.01 -10.18 -30.20
C ASN A 252 15.74 -9.26 -29.02
N LEU A 253 16.51 -9.39 -27.95
CA LEU A 253 16.27 -8.55 -26.83
C LEU A 253 16.47 -7.09 -27.21
N VAL A 254 17.56 -6.81 -27.90
CA VAL A 254 17.81 -5.41 -28.31
C VAL A 254 16.73 -4.92 -29.26
N SER A 255 16.39 -5.76 -30.21
CA SER A 255 15.40 -5.43 -31.19
C SER A 255 14.03 -5.03 -30.60
N TYR A 256 13.54 -5.85 -29.70
CA TYR A 256 12.32 -5.52 -28.99
C TYR A 256 12.43 -4.29 -28.12
N ALA A 257 13.56 -4.13 -27.40
CA ALA A 257 13.75 -2.88 -26.63
C ALA A 257 13.62 -1.65 -27.53
N ARG A 258 14.31 -1.68 -28.66
CA ARG A 258 14.22 -0.58 -29.60
C ARG A 258 12.82 -0.37 -30.19
N ALA A 259 12.12 -1.45 -30.47
CA ALA A 259 10.75 -1.33 -30.94
C ALA A 259 9.83 -0.64 -29.94
N PHE A 260 10.07 -0.78 -28.60
CA PHE A 260 9.35 -0.04 -27.58
C PHE A 260 9.82 1.41 -27.39
N GLY A 261 10.88 1.83 -28.08
CA GLY A 261 11.37 3.22 -27.95
C GLY A 261 12.85 3.41 -27.63
N TYR A 262 13.55 2.36 -27.17
CA TYR A 262 14.98 2.52 -26.80
C TYR A 262 15.75 3.04 -27.99
N GLY A 263 16.65 3.99 -27.77
CA GLY A 263 17.40 4.61 -28.87
C GLY A 263 16.70 5.82 -29.45
N THR A 264 15.43 6.09 -29.11
CA THR A 264 14.68 7.26 -29.63
C THR A 264 14.60 8.37 -28.59
N ALA A 265 14.70 9.61 -29.03
CA ALA A 265 14.50 10.78 -28.16
C ALA A 265 12.99 11.04 -28.07
N LEU A 266 12.34 10.30 -27.19
CA LEU A 266 10.88 10.35 -27.06
C LEU A 266 10.41 11.78 -26.78
N GLY A 267 9.23 12.06 -27.26
CA GLY A 267 8.57 13.35 -27.04
C GLY A 267 8.38 14.07 -28.38
N GLN A 268 7.15 14.31 -28.80
CA GLN A 268 6.96 15.12 -29.97
C GLN A 268 7.37 16.53 -29.69
N ASP A 269 7.22 16.98 -28.47
CA ASP A 269 7.31 18.39 -28.19
C ASP A 269 8.01 18.64 -26.86
N PHE A 270 8.81 17.68 -26.43
CA PHE A 270 9.69 17.87 -25.31
C PHE A 270 10.90 16.96 -25.49
N SER A 271 11.96 17.25 -24.73
CA SER A 271 13.23 16.51 -24.83
C SER A 271 13.34 15.41 -23.85
N THR A 272 13.63 14.20 -24.31
CA THR A 272 13.91 13.04 -23.46
C THR A 272 15.25 12.45 -23.94
N THR A 273 16.08 12.06 -23.02
CA THR A 273 17.35 11.46 -23.40
C THR A 273 17.01 10.01 -23.75
N PRO A 274 17.51 9.55 -24.88
CA PRO A 274 17.26 8.17 -25.29
C PRO A 274 17.68 7.11 -24.27
N SER A 275 16.82 6.10 -24.11
CA SER A 275 17.15 4.91 -23.32
C SER A 275 18.11 4.06 -24.10
N LEU A 276 18.99 3.38 -23.41
CA LEU A 276 20.15 2.79 -24.06
C LEU A 276 20.20 1.28 -23.93
N MSE A 277 20.56 0.61 -25.01
CA MSE A 277 20.96 -0.82 -24.99
C MSE A 277 22.32 -0.96 -25.63
O MSE A 277 22.71 -0.10 -26.42
CB MSE A 277 20.04 -1.74 -25.82
CG MSE A 277 18.57 -1.84 -25.43
SE MSE A 277 18.50 -2.72 -23.65
CE MSE A 277 18.97 -4.61 -23.89
N PRO A 278 23.04 -2.06 -25.37
CA PRO A 278 24.29 -2.32 -26.10
C PRO A 278 24.10 -2.61 -27.56
N ASN A 279 25.21 -2.62 -28.26
CA ASN A 279 25.34 -3.27 -29.55
C ASN A 279 25.21 -4.78 -29.28
N PRO A 280 24.20 -5.42 -29.85
CA PRO A 280 24.05 -6.84 -29.52
C PRO A 280 25.29 -7.68 -29.84
N ALA A 281 26.03 -7.33 -30.88
CA ALA A 281 27.24 -8.08 -31.22
C ALA A 281 28.29 -8.02 -30.11
N GLU A 282 28.20 -7.05 -29.22
CA GLU A 282 29.21 -6.91 -28.18
C GLU A 282 28.87 -7.60 -26.88
N MSE A 283 27.67 -8.12 -26.77
CA MSE A 283 27.15 -8.60 -25.50
C MSE A 283 27.66 -9.99 -25.22
O MSE A 283 27.87 -10.74 -26.13
CB MSE A 283 25.64 -8.63 -25.56
CG MSE A 283 25.07 -7.22 -25.50
SE MSE A 283 23.08 -7.16 -25.48
CE MSE A 283 22.92 -7.61 -23.55
N THR A 284 27.82 -10.36 -23.97
CA THR A 284 28.20 -11.77 -23.61
C THR A 284 26.97 -12.45 -23.05
N THR A 285 27.05 -13.76 -22.88
CA THR A 285 25.92 -14.49 -22.34
C THR A 285 25.54 -14.09 -20.91
N TRP A 286 26.54 -13.86 -20.07
CA TRP A 286 26.28 -13.41 -18.70
C TRP A 286 25.63 -12.02 -18.69
N GLU A 287 26.16 -11.14 -19.53
CA GLU A 287 25.63 -9.77 -19.62
C GLU A 287 24.18 -9.83 -20.07
N LEU A 288 23.90 -10.73 -21.03
CA LEU A 288 22.54 -10.87 -21.59
C LEU A 288 21.56 -11.34 -20.52
N ALA A 289 22.01 -12.29 -19.72
CA ALA A 289 21.19 -12.83 -18.63
C ALA A 289 20.77 -11.74 -17.68
N TRP A 290 21.71 -10.94 -17.22
CA TRP A 290 21.35 -9.82 -16.36
C TRP A 290 20.55 -8.69 -17.03
N ALA A 291 20.82 -8.42 -18.32
CA ALA A 291 20.12 -7.35 -19.01
C ALA A 291 18.65 -7.65 -19.08
N SER A 292 18.38 -8.95 -19.25
CA SER A 292 17.00 -9.39 -19.37
C SER A 292 16.21 -9.24 -18.07
N CYS A 293 16.95 -9.06 -16.96
CA CYS A 293 16.36 -8.75 -15.64
C CYS A 293 16.46 -7.24 -15.33
N GLY A 294 16.88 -6.45 -16.32
CA GLY A 294 17.01 -4.99 -16.17
C GLY A 294 18.28 -4.45 -15.50
N LEU A 295 19.34 -5.27 -15.40
CA LEU A 295 20.59 -4.80 -14.82
C LEU A 295 21.72 -4.73 -15.84
N PRO A 296 22.21 -3.50 -16.10
CA PRO A 296 23.30 -3.36 -17.05
C PRO A 296 24.62 -3.70 -16.44
N VAL A 297 25.32 -4.75 -16.92
CA VAL A 297 26.66 -5.12 -16.41
C VAL A 297 27.75 -5.24 -17.48
N GLY A 298 27.45 -4.83 -18.71
CA GLY A 298 28.35 -5.00 -19.83
C GLY A 298 29.60 -4.12 -19.79
N GLU A 299 30.68 -4.65 -20.35
CA GLU A 299 31.91 -3.88 -20.50
C GLU A 299 32.41 -4.03 -21.92
N HIS A 300 32.20 -2.99 -22.72
CA HIS A 300 32.47 -3.02 -24.16
C HIS A 300 32.34 -1.60 -24.65
N ALA A 301 32.57 -1.35 -25.93
CA ALA A 301 32.59 0.01 -26.46
C ALA A 301 31.22 0.67 -26.43
N SER A 302 30.17 -0.06 -26.81
CA SER A 302 28.79 0.44 -26.74
C SER A 302 28.34 0.60 -25.28
N PRO A 303 27.26 1.36 -25.01
CA PRO A 303 26.80 1.52 -23.62
C PRO A 303 26.35 0.20 -22.97
N ALA A 304 26.49 0.12 -21.66
CA ALA A 304 25.85 -0.97 -20.95
C ALA A 304 24.36 -0.72 -21.01
N GLY A 305 23.58 -1.77 -20.85
CA GLY A 305 22.12 -1.56 -20.76
C GLY A 305 21.36 -2.75 -20.24
N PRO A 306 20.06 -2.56 -19.97
CA PRO A 306 19.32 -1.31 -20.25
C PRO A 306 19.57 -0.18 -19.27
N GLN A 307 19.54 1.05 -19.79
CA GLN A 307 19.47 2.26 -18.96
C GLN A 307 18.26 3.00 -19.47
N THR A 308 17.34 3.34 -18.57
CA THR A 308 16.03 3.87 -18.97
C THR A 308 15.70 5.21 -18.39
N THR A 309 14.76 5.88 -19.04
CA THR A 309 14.10 7.01 -18.41
C THR A 309 12.79 6.51 -17.85
N VAL A 310 12.25 7.28 -16.93
CA VAL A 310 10.91 7.05 -16.42
C VAL A 310 9.87 7.24 -17.53
N MSE A 311 10.07 8.22 -18.43
CA MSE A 311 9.19 8.41 -19.62
C MSE A 311 9.19 7.16 -20.51
O MSE A 311 8.12 6.73 -20.97
CB MSE A 311 9.63 9.61 -20.41
CG MSE A 311 8.78 9.97 -21.60
SE MSE A 311 6.99 10.51 -21.00
CE MSE A 311 7.38 12.19 -20.11
N GLN A 312 10.34 6.55 -20.75
CA GLN A 312 10.40 5.34 -21.56
C GLN A 312 9.64 4.20 -20.89
N ASN A 313 9.76 4.12 -19.56
CA ASN A 313 9.06 3.10 -18.78
C ASN A 313 7.54 3.28 -18.96
N ALA A 314 7.05 4.52 -18.98
CA ALA A 314 5.65 4.74 -19.22
C ALA A 314 5.26 4.31 -20.65
N VAL A 315 6.12 4.61 -21.63
CA VAL A 315 5.79 4.29 -23.04
C VAL A 315 5.63 2.80 -23.23
N ILE A 316 6.43 2.03 -22.51
CA ILE A 316 6.28 0.60 -22.51
C ILE A 316 4.95 0.14 -21.90
N ALA A 317 4.62 0.63 -20.71
CA ALA A 317 3.37 0.23 -20.10
C ALA A 317 2.24 0.66 -21.03
N ALA A 318 2.38 1.82 -21.62
CA ALA A 318 1.32 2.31 -22.54
C ALA A 318 1.07 1.44 -23.78
N ALA A 319 2.17 0.99 -24.39
CA ALA A 319 2.15 0.11 -25.56
C ALA A 319 1.43 -1.21 -25.23
N ILE A 320 1.75 -1.78 -24.07
CA ILE A 320 1.14 -3.02 -23.61
C ILE A 320 -0.34 -2.74 -23.31
N ALA A 321 -0.64 -1.62 -22.68
CA ALA A 321 -2.05 -1.26 -22.47
C ALA A 321 -2.81 -1.03 -23.75
N ASN A 322 -2.11 -0.64 -24.83
CA ASN A 322 -2.72 -0.19 -26.10
C ASN A 322 -2.58 -1.18 -27.26
N GLY A 323 -2.70 -2.47 -26.98
CA GLY A 323 -2.67 -3.45 -28.08
C GLY A 323 -1.33 -3.63 -28.77
N GLY A 324 -0.25 -3.16 -28.13
CA GLY A 324 1.09 -3.27 -28.67
C GLY A 324 1.59 -2.10 -29.50
N VAL A 325 0.76 -1.06 -29.60
CA VAL A 325 1.04 0.06 -30.46
C VAL A 325 1.68 1.13 -29.59
N VAL A 326 2.91 1.49 -29.93
CA VAL A 326 3.72 2.43 -29.19
C VAL A 326 3.39 3.81 -29.69
N MSE A 327 3.11 4.72 -28.75
CA MSE A 327 2.82 6.13 -29.11
C MSE A 327 3.98 7.02 -28.75
O MSE A 327 4.66 6.82 -27.74
CB MSE A 327 1.51 6.66 -28.49
CG MSE A 327 0.28 5.79 -28.87
SE MSE A 327 -0.03 5.66 -30.83
CE MSE A 327 -1.00 7.35 -31.11
N ASN A 328 4.22 8.03 -29.58
CA ASN A 328 5.24 9.03 -29.25
C ASN A 328 4.64 10.10 -28.36
N PRO A 329 5.07 10.16 -27.08
CA PRO A 329 4.32 11.00 -26.13
C PRO A 329 4.47 12.47 -26.41
N TYR A 330 3.54 13.26 -25.90
CA TYR A 330 3.48 14.66 -26.19
C TYR A 330 2.82 15.38 -25.06
N ILE A 331 3.18 16.64 -24.93
CA ILE A 331 2.73 17.43 -23.82
C ILE A 331 2.03 18.71 -24.18
N VAL A 332 2.07 19.10 -25.46
CA VAL A 332 1.25 20.25 -25.97
C VAL A 332 -0.04 19.76 -26.63
N ASP A 333 -1.19 20.19 -26.12
CA ASP A 333 -2.46 19.86 -26.75
C ASP A 333 -2.70 20.71 -27.97
N ARG A 334 -2.50 22.01 -27.80
CA ARG A 334 -2.83 22.98 -28.85
C ARG A 334 -2.25 24.36 -28.57
N VAL A 335 -2.22 25.18 -29.63
CA VAL A 335 -1.73 26.54 -29.58
C VAL A 335 -2.85 27.51 -29.85
N LEU A 336 -2.89 28.58 -29.06
CA LEU A 336 -3.94 29.58 -29.17
C LEU A 336 -3.37 30.91 -29.59
N SER A 337 -4.05 31.56 -30.54
CA SER A 337 -3.73 32.93 -30.94
C SER A 337 -3.97 33.84 -29.74
N PRO A 338 -3.39 35.05 -29.77
CA PRO A 338 -3.65 36.06 -28.73
C PRO A 338 -5.11 36.22 -28.37
N GLU A 339 -5.99 36.28 -29.36
CA GLU A 339 -7.44 36.43 -29.15
C GLU A 339 -8.20 35.12 -28.90
N GLY A 340 -7.50 33.99 -28.92
CA GLY A 340 -8.11 32.73 -28.51
C GLY A 340 -8.36 31.70 -29.58
N ALA A 341 -8.05 32.02 -30.84
CA ALA A 341 -8.21 31.03 -31.92
C ALA A 341 -7.22 29.87 -31.79
N VAL A 342 -7.71 28.64 -31.91
CA VAL A 342 -6.81 27.50 -32.02
C VAL A 342 -6.00 27.68 -33.30
N VAL A 343 -4.69 27.74 -33.17
CA VAL A 343 -3.75 27.97 -34.26
C VAL A 343 -3.34 26.61 -34.79
N SER A 344 -3.07 25.68 -33.88
CA SER A 344 -2.72 24.33 -34.27
C SER A 344 -3.11 23.34 -33.18
N THR A 345 -3.25 22.07 -33.55
CA THR A 345 -3.56 21.01 -32.62
C THR A 345 -2.58 19.85 -32.80
N THR A 346 -2.09 19.27 -31.71
CA THR A 346 -1.12 18.19 -31.82
C THR A 346 -1.85 16.94 -32.24
N SER A 347 -1.28 16.13 -33.13
CA SER A 347 -1.87 14.85 -33.47
C SER A 347 -1.05 13.73 -32.90
N PRO A 348 -1.73 12.76 -32.28
CA PRO A 348 -1.03 11.59 -31.74
C PRO A 348 -0.30 10.89 -32.88
N LYS A 349 0.88 10.35 -32.65
CA LYS A 349 1.61 9.67 -33.68
C LYS A 349 2.21 8.41 -33.11
N SER A 350 2.20 7.36 -33.89
CA SER A 350 2.74 6.06 -33.47
C SER A 350 4.18 5.93 -33.85
N LEU A 351 4.94 5.24 -33.01
CA LEU A 351 6.31 4.84 -33.31
C LEU A 351 6.34 3.42 -33.81
N GLY A 352 5.17 2.83 -34.04
CA GLY A 352 5.07 1.51 -34.64
C GLY A 352 4.38 0.51 -33.71
N GLN A 353 4.35 -0.75 -34.13
CA GLN A 353 3.74 -1.79 -33.32
C GLN A 353 4.84 -2.69 -32.80
N ALA A 354 5.12 -2.62 -31.51
CA ALA A 354 6.24 -3.37 -30.97
C ALA A 354 5.97 -4.88 -30.83
N VAL A 355 4.73 -5.25 -30.54
CA VAL A 355 4.36 -6.65 -30.38
C VAL A 355 2.93 -6.77 -30.88
N SER A 356 2.51 -8.00 -31.18
CA SER A 356 1.13 -8.23 -31.60
C SER A 356 0.12 -7.88 -30.53
N ALA A 357 -1.13 -7.66 -30.95
CA ALA A 357 -2.23 -7.51 -29.96
C ALA A 357 -2.37 -8.76 -29.07
N ASP A 358 -2.21 -9.95 -29.65
CA ASP A 358 -2.26 -11.16 -28.86
C ASP A 358 -1.17 -11.20 -27.79
N THR A 359 0.05 -10.80 -28.16
CA THR A 359 1.14 -10.74 -27.20
C THR A 359 0.82 -9.74 -26.09
N ALA A 360 0.35 -8.55 -26.46
CA ALA A 360 0.05 -7.52 -25.47
C ALA A 360 -0.97 -7.94 -24.47
N ALA A 361 -1.98 -8.67 -24.90
CA ALA A 361 -3.01 -9.17 -23.98
C ALA A 361 -2.43 -10.17 -23.00
N GLN A 362 -1.53 -11.03 -23.44
CA GLN A 362 -0.80 -11.95 -22.51
C GLN A 362 0.08 -11.22 -21.47
N VAL A 363 0.78 -10.19 -21.91
CA VAL A 363 1.60 -9.39 -20.99
C VAL A 363 0.70 -8.61 -20.01
N ARG A 364 -0.41 -8.03 -20.48
CA ARG A 364 -1.37 -7.42 -19.54
C ARG A 364 -1.82 -8.39 -18.47
N GLU A 365 -2.16 -9.61 -18.87
CA GLU A 365 -2.59 -10.63 -17.91
C GLU A 365 -1.47 -10.97 -16.90
N ALA A 366 -0.26 -11.06 -17.39
CA ALA A 366 0.87 -11.34 -16.49
C ALA A 366 1.03 -10.17 -15.51
N MSE A 367 0.84 -8.93 -16.01
CA MSE A 367 0.98 -7.76 -15.17
C MSE A 367 -0.11 -7.67 -14.11
O MSE A 367 0.13 -7.08 -13.03
CB MSE A 367 1.08 -6.51 -16.04
CG MSE A 367 2.49 -6.42 -16.68
SE MSE A 367 2.45 -4.88 -17.96
CE MSE A 367 3.50 -3.51 -17.06
N LEU A 368 -1.29 -8.20 -14.41
CA LEU A 368 -2.36 -8.20 -13.42
C LEU A 368 -1.98 -9.10 -12.25
N GLY A 369 -1.36 -10.25 -12.54
CA GLY A 369 -0.83 -11.15 -11.51
C GLY A 369 0.17 -10.53 -10.57
N VAL A 370 0.99 -9.65 -11.11
CA VAL A 370 2.01 -8.99 -10.31
C VAL A 370 1.34 -8.28 -9.15
N VAL A 371 0.25 -7.61 -9.46
CA VAL A 371 -0.46 -6.80 -8.47
C VAL A 371 -1.43 -7.63 -7.65
N GLU A 372 -2.13 -8.60 -8.26
N GLU A 372 -2.12 -8.59 -8.28
CA GLU A 372 -3.09 -9.42 -7.50
CA GLU A 372 -3.08 -9.45 -7.55
C GLU A 372 -2.44 -10.42 -6.55
C GLU A 372 -2.41 -10.37 -6.53
N SER A 373 -1.29 -10.98 -6.89
CA SER A 373 -0.71 -12.01 -6.05
C SER A 373 0.82 -12.01 -5.96
N GLY A 374 1.49 -11.06 -6.57
CA GLY A 374 2.95 -11.05 -6.59
C GLY A 374 3.56 -9.88 -5.86
N THR A 375 4.63 -9.33 -6.42
CA THR A 375 5.43 -8.33 -5.72
C THR A 375 4.77 -6.93 -5.74
N GLY A 376 3.67 -6.77 -6.46
CA GLY A 376 3.01 -5.47 -6.58
C GLY A 376 1.72 -5.29 -5.79
N MSE A 377 1.50 -6.14 -4.81
CA MSE A 377 0.28 -6.05 -3.99
C MSE A 377 0.08 -4.69 -3.32
O MSE A 377 -1.05 -4.30 -3.03
CB MSE A 377 0.25 -7.21 -2.98
CG MSE A 377 -0.29 -8.48 -3.67
SE MSE A 377 -0.43 -10.03 -2.46
CE MSE A 377 1.44 -10.54 -2.09
N GLY A 378 1.16 -3.98 -3.07
CA GLY A 378 1.07 -2.63 -2.54
C GLY A 378 0.39 -1.63 -3.45
N ALA A 379 0.29 -1.95 -4.74
CA ALA A 379 -0.45 -1.15 -5.68
C ALA A 379 -1.94 -1.42 -5.69
N ARG A 380 -2.41 -2.42 -4.96
CA ARG A 380 -3.83 -2.79 -5.03
C ARG A 380 -4.69 -1.67 -4.48
N VAL A 381 -5.83 -1.49 -5.11
CA VAL A 381 -6.77 -0.46 -4.70
C VAL A 381 -8.14 -1.12 -4.71
N PRO A 382 -8.82 -1.16 -3.55
CA PRO A 382 -10.09 -1.87 -3.54
C PRO A 382 -11.06 -1.33 -4.59
N GLY A 383 -11.69 -2.26 -5.31
CA GLY A 383 -12.74 -1.97 -6.25
C GLY A 383 -12.31 -1.41 -7.58
N VAL A 384 -11.02 -1.58 -7.92
CA VAL A 384 -10.52 -1.31 -9.24
C VAL A 384 -9.37 -2.29 -9.55
N LYS A 385 -9.36 -2.87 -10.74
CA LYS A 385 -8.30 -3.79 -11.14
C LYS A 385 -7.13 -3.02 -11.74
N ILE A 386 -6.00 -3.17 -11.08
CA ILE A 386 -4.77 -2.48 -11.45
C ILE A 386 -3.74 -3.53 -11.83
N ALA A 387 -2.99 -3.28 -12.89
CA ALA A 387 -1.91 -4.18 -13.29
C ALA A 387 -0.63 -3.44 -13.42
N GLY A 388 0.48 -4.14 -13.25
CA GLY A 388 1.76 -3.49 -13.40
C GLY A 388 2.94 -4.41 -13.26
N LYS A 389 4.13 -3.83 -13.18
CA LYS A 389 5.34 -4.56 -12.89
C LYS A 389 6.23 -3.65 -12.08
N THR A 390 6.85 -4.25 -11.04
CA THR A 390 7.74 -3.58 -10.12
C THR A 390 9.16 -3.77 -10.54
N GLY A 391 10.04 -2.96 -9.94
CA GLY A 391 11.47 -3.14 -10.08
C GLY A 391 12.27 -2.56 -8.95
N THR A 392 13.43 -3.17 -8.69
CA THR A 392 14.41 -2.65 -7.74
C THR A 392 15.82 -2.74 -8.29
N ALA A 393 16.63 -1.71 -8.12
CA ALA A 393 18.00 -1.75 -8.62
C ALA A 393 18.98 -0.96 -7.79
N ASP A 394 20.19 -1.53 -7.66
CA ASP A 394 21.26 -0.92 -6.87
C ASP A 394 21.88 0.27 -7.57
N VAL A 395 22.36 1.19 -6.75
CA VAL A 395 23.25 2.25 -7.19
C VAL A 395 24.46 2.23 -6.24
N GLU A 396 25.28 3.27 -6.27
CA GLU A 396 26.47 3.32 -5.41
C GLU A 396 26.21 3.73 -3.96
N ASN A 397 27.14 3.35 -3.09
CA ASN A 397 27.00 3.43 -1.63
C ASN A 397 25.96 2.45 -1.05
N GLY A 398 25.65 1.39 -1.81
CA GLY A 398 24.66 0.39 -1.38
C GLY A 398 23.25 0.96 -1.27
N ASN A 399 22.98 2.07 -1.95
CA ASN A 399 21.62 2.59 -2.07
C ASN A 399 20.92 1.79 -3.11
N PHE A 400 19.61 2.00 -3.23
CA PHE A 400 18.86 1.44 -4.36
C PHE A 400 17.58 2.20 -4.60
N ASN A 401 17.01 1.97 -5.80
CA ASN A 401 15.81 2.66 -6.30
C ASN A 401 14.66 1.71 -6.52
N SER A 402 13.44 2.23 -6.41
CA SER A 402 12.25 1.42 -6.55
C SER A 402 11.46 1.92 -7.72
N PHE A 403 10.99 1.00 -8.59
CA PHE A 403 10.25 1.36 -9.80
C PHE A 403 8.90 0.69 -9.81
N PHE A 404 7.99 1.30 -10.54
CA PHE A 404 6.72 0.69 -10.92
C PHE A 404 6.18 1.29 -12.20
N ILE A 405 5.70 0.41 -13.08
CA ILE A 405 4.91 0.81 -14.21
C ILE A 405 3.62 0.05 -14.14
N GLY A 406 2.54 0.71 -14.52
CA GLY A 406 1.30 -0.02 -14.54
C GLY A 406 0.20 0.77 -15.20
N PHE A 407 -0.98 0.16 -15.25
CA PHE A 407 -2.13 0.76 -15.93
C PHE A 407 -3.42 0.38 -15.28
N ALA A 408 -4.45 1.16 -15.58
CA ALA A 408 -5.77 0.92 -15.03
C ALA A 408 -6.85 1.63 -15.80
N PRO A 409 -8.12 1.14 -15.73
CA PRO A 409 -8.50 -0.18 -15.19
C PRO A 409 -8.02 -1.29 -16.12
N TYR A 410 -7.80 -2.49 -15.63
CA TYR A 410 -7.31 -3.61 -16.48
C TYR A 410 -8.05 -3.87 -17.80
N ASP A 411 -9.38 -3.93 -17.76
CA ASP A 411 -10.16 -4.33 -18.93
C ASP A 411 -10.20 -3.30 -20.03
N HIS A 412 -10.22 -2.02 -19.67
CA HIS A 412 -10.20 -1.00 -20.71
C HIS A 412 -9.39 0.15 -20.19
N PRO A 413 -8.06 0.01 -20.31
CA PRO A 413 -7.18 0.97 -19.65
C PRO A 413 -7.35 2.39 -20.16
N THR A 414 -7.40 3.34 -19.24
CA THR A 414 -7.45 4.76 -19.59
C THR A 414 -6.33 5.57 -18.97
N LEU A 415 -5.47 4.94 -18.17
CA LEU A 415 -4.35 5.63 -17.55
C LEU A 415 -3.16 4.68 -17.40
N VAL A 416 -1.97 5.23 -17.55
CA VAL A 416 -0.72 4.53 -17.34
C VAL A 416 0.10 5.36 -16.36
N VAL A 417 0.85 4.69 -15.50
CA VAL A 417 1.75 5.35 -14.55
C VAL A 417 3.13 4.73 -14.63
N SER A 418 4.15 5.57 -14.44
CA SER A 418 5.53 5.15 -14.31
C SER A 418 6.14 5.99 -13.17
N VAL A 419 6.80 5.29 -12.26
CA VAL A 419 7.33 5.87 -11.02
C VAL A 419 8.78 5.39 -10.77
N VAL A 420 9.62 6.30 -10.32
CA VAL A 420 10.83 5.94 -9.59
C VAL A 420 10.84 6.65 -8.22
N ILE A 421 11.11 5.88 -7.15
CA ILE A 421 11.45 6.43 -5.84
C ILE A 421 12.92 6.07 -5.56
N GLU A 422 13.75 7.12 -5.42
CA GLU A 422 15.18 6.91 -5.21
C GLU A 422 15.48 6.66 -3.72
N GLY A 423 16.40 5.72 -3.45
CA GLY A 423 16.82 5.43 -2.09
C GLY A 423 17.39 6.58 -1.27
N ASN A 424 18.44 7.21 -1.79
CA ASN A 424 19.24 8.15 -0.97
C ASN A 424 19.78 7.40 0.27
N GLY A 425 19.52 7.90 1.47
CA GLY A 425 19.98 7.21 2.67
C GLY A 425 19.06 6.11 3.15
N GLU A 426 17.97 5.85 2.43
CA GLU A 426 16.86 5.11 2.99
C GLU A 426 16.55 3.86 2.15
N ASN A 427 16.09 2.81 2.83
CA ASN A 427 15.50 1.66 2.16
C ASN A 427 14.09 2.02 1.66
N VAL A 428 13.87 1.88 0.35
CA VAL A 428 12.59 2.23 -0.25
C VAL A 428 11.94 1.03 -0.95
N LEU A 429 12.20 -0.16 -0.40
CA LEU A 429 11.72 -1.38 -1.05
C LEU A 429 10.19 -1.40 -1.21
N GLY A 430 9.69 -1.52 -2.44
CA GLY A 430 8.27 -1.59 -2.70
C GLY A 430 7.54 -0.24 -2.77
N TYR A 431 8.23 0.88 -2.55
CA TYR A 431 7.56 2.19 -2.48
C TYR A 431 7.00 2.64 -3.84
N GLY A 432 7.70 2.26 -4.93
CA GLY A 432 7.24 2.54 -6.27
C GLY A 432 5.83 2.04 -6.48
N ALA A 433 5.60 0.78 -6.12
CA ALA A 433 4.29 0.23 -6.28
C ALA A 433 3.20 0.95 -5.46
N GLN A 434 3.52 1.22 -4.20
CA GLN A 434 2.57 1.88 -3.32
C GLN A 434 2.21 3.27 -3.82
N VAL A 435 3.20 4.00 -4.30
CA VAL A 435 2.95 5.33 -4.94
C VAL A 435 2.16 5.18 -6.23
N GLY A 436 2.57 4.20 -7.05
CA GLY A 436 1.90 3.87 -8.29
C GLY A 436 0.40 3.65 -8.15
N GLY A 437 0.01 2.74 -7.26
CA GLY A 437 -1.40 2.46 -7.05
C GLY A 437 -2.17 3.66 -6.56
N ARG A 438 -1.60 4.39 -5.60
CA ARG A 438 -2.21 5.57 -5.04
C ARG A 438 -2.47 6.58 -6.14
N VAL A 439 -1.46 6.80 -6.98
CA VAL A 439 -1.61 7.84 -8.04
C VAL A 439 -2.70 7.40 -9.04
N LEU A 440 -2.68 6.12 -9.43
CA LEU A 440 -3.67 5.62 -10.38
C LEU A 440 -5.08 5.80 -9.82
N ALA A 441 -5.30 5.39 -8.56
CA ALA A 441 -6.61 5.48 -7.93
C ALA A 441 -7.17 6.90 -7.90
N GLN A 442 -6.35 7.86 -7.47
CA GLN A 442 -6.78 9.29 -7.44
C GLN A 442 -6.97 9.88 -8.84
N CYS A 443 -6.09 9.55 -9.79
CA CYS A 443 -6.29 10.02 -11.17
C CYS A 443 -7.56 9.46 -11.83
N LEU A 444 -7.88 8.19 -11.57
CA LEU A 444 -9.16 7.62 -12.04
C LEU A 444 -10.36 8.39 -11.49
N ASN A 445 -10.29 8.79 -10.23
CA ASN A 445 -11.37 9.53 -9.61
C ASN A 445 -11.50 10.90 -10.20
N ILE A 446 -10.37 11.44 -10.65
CA ILE A 446 -10.43 12.73 -11.28
C ILE A 446 -11.07 12.57 -12.64
N GLN A 447 -10.59 11.59 -13.43
CA GLN A 447 -11.20 11.24 -14.71
C GLN A 447 -12.71 11.07 -14.57
N ALA A 448 -13.11 10.44 -13.47
CA ALA A 448 -14.51 10.22 -13.19
C ALA A 448 -15.37 11.48 -13.10
N LEU A 449 -14.82 12.64 -12.71
CA LEU A 449 -15.64 13.83 -12.43
C LEU A 449 -16.01 14.64 -13.68
N SER B 22 -46.03 -11.28 17.40
CA SER B 22 -44.55 -11.07 17.70
C SER B 22 -43.63 -10.77 16.48
N ALA B 23 -43.85 -11.52 15.39
CA ALA B 23 -43.36 -11.16 14.06
C ALA B 23 -44.28 -10.15 13.36
N TYR B 24 -45.23 -9.58 14.10
CA TYR B 24 -46.04 -8.49 13.59
C TYR B 24 -45.46 -7.13 13.97
N VAL B 25 -44.38 -7.14 14.74
CA VAL B 25 -43.74 -5.94 15.22
C VAL B 25 -42.39 -5.72 14.54
N GLN B 26 -42.28 -4.60 13.84
CA GLN B 26 -41.04 -4.11 13.24
C GLN B 26 -39.81 -4.33 14.13
N ARG B 27 -38.82 -5.04 13.59
CA ARG B 27 -37.51 -5.09 14.20
C ARG B 27 -36.80 -3.80 13.76
N GLY B 28 -36.04 -3.22 14.67
CA GLY B 28 -35.24 -2.03 14.35
C GLY B 28 -34.10 -2.32 13.37
N ALA B 29 -33.50 -1.26 12.84
CA ALA B 29 -32.40 -1.40 11.87
C ALA B 29 -31.01 -1.43 12.54
N ILE B 30 -30.05 -2.04 11.84
CA ILE B 30 -28.64 -1.91 12.16
C ILE B 30 -27.93 -1.12 11.04
N ILE B 31 -27.26 -0.05 11.47
CA ILE B 31 -26.69 0.96 10.58
C ILE B 31 -25.25 1.34 10.97
N THR B 32 -24.33 1.41 9.99
CA THR B 32 -22.94 1.92 10.25
C THR B 32 -22.92 3.38 10.64
N SER B 33 -21.81 3.83 11.21
CA SER B 33 -21.73 5.19 11.76
C SER B 33 -21.85 6.22 10.68
N ASP B 34 -21.43 5.87 9.46
CA ASP B 34 -21.59 6.77 8.32
C ASP B 34 -22.85 6.45 7.55
N GLY B 35 -23.88 5.95 8.22
CA GLY B 35 -25.22 5.85 7.62
C GLY B 35 -25.53 4.78 6.59
N VAL B 36 -24.74 3.73 6.51
CA VAL B 36 -25.10 2.60 5.64
C VAL B 36 -25.94 1.57 6.40
N THR B 37 -27.18 1.39 5.98
CA THR B 37 -28.06 0.41 6.59
C THR B 37 -27.60 -1.01 6.23
N LEU B 38 -27.23 -1.80 7.25
CA LEU B 38 -26.74 -3.16 7.00
C LEU B 38 -27.83 -4.24 7.13
N ALA B 39 -28.83 -3.94 7.96
CA ALA B 39 -29.97 -4.81 8.16
C ALA B 39 -31.19 -3.99 8.52
N GLU B 40 -32.34 -4.40 7.99
CA GLU B 40 -33.63 -3.75 8.26
C GLU B 40 -34.77 -4.78 8.08
N SER B 41 -35.97 -4.42 8.55
CA SER B 41 -37.14 -5.32 8.44
C SER B 41 -38.19 -4.71 7.52
N VAL B 42 -38.64 -5.51 6.55
CA VAL B 42 -39.62 -5.10 5.56
C VAL B 42 -40.98 -5.78 5.77
N LYS B 43 -42.03 -4.95 5.75
CA LYS B 43 -43.39 -5.40 5.99
C LYS B 43 -43.92 -6.19 4.78
N GLN B 44 -44.56 -7.32 5.07
CA GLN B 44 -45.19 -8.13 4.03
C GLN B 44 -46.70 -8.00 4.14
N ASP B 45 -47.37 -7.94 2.99
CA ASP B 45 -48.83 -7.82 2.93
C ASP B 45 -49.46 -8.79 3.91
N ASP B 46 -48.98 -10.02 3.88
CA ASP B 46 -49.25 -10.98 4.93
C ASP B 46 -49.63 -10.31 6.27
N THR B 48 -46.79 -9.67 8.33
CA THR B 48 -45.60 -9.77 9.19
C THR B 48 -44.40 -9.06 8.54
N TYR B 49 -43.18 -9.44 8.98
CA TYR B 49 -41.92 -8.69 8.67
C TYR B 49 -40.75 -9.66 8.38
N VAL B 50 -40.02 -9.46 7.27
CA VAL B 50 -38.79 -10.26 7.01
C VAL B 50 -37.51 -9.39 7.00
N ARG B 51 -36.40 -10.01 7.38
CA ARG B 51 -35.13 -9.31 7.44
C ARG B 51 -34.48 -9.20 6.06
N ASN B 52 -34.18 -7.97 5.65
CA ASN B 52 -33.43 -7.68 4.43
C ASN B 52 -32.02 -7.12 4.75
N TYR B 53 -31.07 -7.37 3.86
CA TYR B 53 -29.66 -7.04 4.06
C TYR B 53 -29.12 -6.30 2.85
N PRO B 54 -29.25 -4.97 2.83
CA PRO B 54 -29.01 -4.31 1.55
C PRO B 54 -27.59 -4.45 1.02
N HIS B 55 -26.62 -4.74 1.87
CA HIS B 55 -25.24 -4.88 1.41
C HIS B 55 -24.77 -6.24 1.84
N ASP B 56 -25.64 -7.21 1.64
CA ASP B 56 -25.44 -8.55 2.17
C ASP B 56 -24.01 -8.99 1.90
N GLY B 57 -23.31 -9.44 2.95
CA GLY B 57 -21.90 -9.85 2.82
C GLY B 57 -20.92 -8.93 3.56
N MSE B 58 -21.36 -7.70 3.84
CA MSE B 58 -20.57 -6.73 4.59
C MSE B 58 -20.67 -6.94 6.08
O MSE B 58 -21.75 -6.87 6.67
CB MSE B 58 -21.06 -5.31 4.36
CG MSE B 58 -20.32 -4.30 5.26
SE MSE B 58 -20.30 -2.44 4.54
CE MSE B 58 -18.72 -2.82 3.41
N ALA B 59 -19.54 -7.16 6.73
CA ALA B 59 -19.51 -7.27 8.19
C ALA B 59 -20.49 -8.34 8.69
N SER B 60 -20.55 -9.46 8.00
CA SER B 60 -21.59 -10.44 8.29
C SER B 60 -21.58 -10.90 9.76
N HIS B 61 -20.41 -11.21 10.29
CA HIS B 61 -20.30 -11.75 11.67
C HIS B 61 -20.74 -10.77 12.73
N THR B 62 -20.48 -9.51 12.48
CA THR B 62 -20.80 -8.44 13.40
C THR B 62 -22.33 -8.18 13.39
N VAL B 63 -22.92 -8.14 12.21
CA VAL B 63 -24.37 -8.02 12.09
C VAL B 63 -25.06 -9.22 12.76
N GLY B 64 -24.67 -10.43 12.37
CA GLY B 64 -25.17 -11.65 13.01
C GLY B 64 -26.53 -12.06 12.56
N TYR B 65 -27.22 -12.80 13.41
CA TYR B 65 -28.39 -13.58 13.07
C TYR B 65 -28.98 -14.25 14.30
N ILE B 66 -30.21 -14.69 14.12
CA ILE B 66 -30.93 -15.52 15.05
C ILE B 66 -31.52 -16.62 14.18
N SER B 67 -31.00 -17.84 14.33
CA SER B 67 -31.30 -18.97 13.49
C SER B 67 -31.47 -20.22 14.36
N THR B 68 -32.55 -20.95 14.18
CA THR B 68 -32.75 -22.16 14.91
C THR B 68 -31.59 -23.14 14.67
N GLN B 69 -31.16 -23.22 13.42
CA GLN B 69 -30.14 -24.14 13.00
C GLN B 69 -28.77 -23.70 13.46
N TYR B 70 -28.49 -22.42 13.26
CA TYR B 70 -27.14 -21.87 13.38
C TYR B 70 -26.88 -21.15 14.67
N GLY B 71 -27.91 -20.89 15.46
CA GLY B 71 -27.70 -20.29 16.77
C GLY B 71 -27.87 -18.81 16.58
N THR B 72 -27.34 -18.04 17.52
CA THR B 72 -27.41 -16.57 17.49
C THR B 72 -26.00 -15.99 17.53
N ALA B 73 -25.84 -14.81 16.94
CA ALA B 73 -24.53 -14.18 16.85
C ALA B 73 -24.72 -12.72 16.58
N GLY B 74 -23.63 -11.99 16.80
CA GLY B 74 -23.52 -10.60 16.47
C GLY B 74 -24.50 -9.72 17.18
N ILE B 75 -24.84 -8.61 16.53
CA ILE B 75 -25.67 -7.57 17.09
C ILE B 75 -27.12 -7.98 17.11
N GLU B 76 -27.53 -8.79 16.15
CA GLU B 76 -28.89 -9.36 16.17
C GLU B 76 -29.09 -10.01 17.53
N SER B 77 -28.11 -10.79 17.94
CA SER B 77 -28.16 -11.45 19.22
C SER B 77 -28.09 -10.43 20.35
N SER B 78 -26.92 -9.85 20.52
CA SER B 78 -26.62 -9.03 21.69
C SER B 78 -27.62 -7.89 21.94
N MSE B 79 -28.13 -7.28 20.88
CA MSE B 79 -28.99 -6.11 21.05
C MSE B 79 -30.39 -6.48 20.74
O MSE B 79 -31.20 -5.63 20.37
CB MSE B 79 -28.55 -4.95 20.14
CG MSE B 79 -27.13 -4.49 20.47
SE MSE B 79 -27.20 -3.25 22.02
CE MSE B 79 -25.87 -4.19 23.14
N ASN B 80 -30.73 -7.74 20.93
CA ASN B 80 -32.02 -8.21 20.49
C ASN B 80 -33.18 -7.49 21.19
N GLU B 81 -33.13 -7.43 22.52
CA GLU B 81 -34.12 -6.67 23.31
C GLU B 81 -34.42 -5.32 22.68
N THR B 82 -33.35 -4.54 22.45
CA THR B 82 -33.45 -3.20 21.86
C THR B 82 -34.05 -3.23 20.47
N LEU B 83 -33.60 -4.18 19.65
CA LEU B 83 -34.07 -4.26 18.28
C LEU B 83 -35.56 -4.59 18.15
N THR B 84 -36.13 -5.34 19.10
CA THR B 84 -37.56 -5.70 19.03
C THR B 84 -38.41 -4.88 19.98
N SER B 90 -47.60 -7.78 28.95
CA SER B 90 -47.66 -6.69 29.92
C SER B 90 -48.87 -5.77 29.69
N ASP B 91 -49.08 -5.35 28.44
CA ASP B 91 -50.22 -4.48 28.06
C ASP B 91 -51.57 -5.20 28.01
N TRP B 92 -52.65 -4.44 28.20
CA TRP B 92 -54.01 -4.91 27.90
C TRP B 92 -54.26 -5.12 26.40
N ARG B 93 -53.48 -4.40 25.61
CA ARG B 93 -53.58 -4.42 24.17
C ARG B 93 -52.57 -5.39 23.60
N SER B 94 -51.78 -6.02 24.46
CA SER B 94 -50.81 -6.98 23.98
C SER B 94 -51.47 -8.30 23.66
N ALA B 95 -52.68 -8.52 24.18
CA ALA B 95 -53.45 -9.71 23.85
C ALA B 95 -53.92 -9.66 22.39
N LEU B 96 -54.05 -8.49 21.79
CA LEU B 96 -54.56 -8.41 20.44
C LEU B 96 -53.46 -8.38 19.39
N TYR B 97 -53.28 -9.45 18.64
CA TYR B 97 -52.23 -9.44 17.63
C TYR B 97 -52.51 -8.42 16.53
N SER B 98 -53.80 -8.11 16.29
CA SER B 98 -54.18 -7.09 15.28
C SER B 98 -53.62 -5.73 15.61
N MSE B 99 -53.26 -5.50 16.87
CA MSE B 99 -52.72 -4.21 17.32
C MSE B 99 -51.24 -4.20 17.56
O MSE B 99 -50.71 -3.24 18.05
CB MSE B 99 -53.36 -3.89 18.65
CG MSE B 99 -54.87 -3.85 18.49
SE MSE B 99 -55.68 -2.73 19.88
CE MSE B 99 -55.58 -3.91 21.44
N ALA B 100 -50.55 -5.29 17.26
CA ALA B 100 -49.13 -5.40 17.51
C ALA B 100 -48.33 -4.39 16.67
N GLY B 101 -48.73 -4.23 15.41
CA GLY B 101 -48.11 -3.23 14.51
C GLY B 101 -48.22 -1.80 15.03
N ILE B 102 -49.30 -1.51 15.74
CA ILE B 102 -49.64 -0.17 16.17
C ILE B 102 -48.71 0.35 17.25
N ASN B 103 -48.46 -0.46 18.27
CA ASN B 103 -47.67 0.01 19.41
C ASN B 103 -46.15 0.04 19.28
N THR B 104 -45.52 -1.13 19.29
CA THR B 104 -44.07 -1.17 19.24
C THR B 104 -43.61 -1.02 17.81
N THR B 105 -42.39 -0.48 17.69
CA THR B 105 -41.51 -0.65 16.54
C THR B 105 -40.16 -0.72 17.23
N GLY B 106 -39.24 -1.50 16.69
CA GLY B 106 -37.94 -1.64 17.32
C GLY B 106 -37.15 -0.36 17.25
N SER B 107 -36.27 -0.15 18.23
CA SER B 107 -35.33 0.96 18.15
C SER B 107 -34.11 0.48 17.36
N SER B 108 -33.44 1.42 16.70
CA SER B 108 -32.34 1.10 15.79
C SER B 108 -30.98 1.24 16.44
N VAL B 109 -30.05 0.43 15.96
CA VAL B 109 -28.72 0.42 16.54
C VAL B 109 -27.75 0.99 15.55
N VAL B 110 -26.96 1.98 16.00
CA VAL B 110 -25.98 2.64 15.15
C VAL B 110 -24.60 2.20 15.60
N LEU B 111 -23.87 1.61 14.68
CA LEU B 111 -22.56 1.03 15.02
C LEU B 111 -21.46 2.06 14.90
N THR B 112 -20.39 1.84 15.63
CA THR B 112 -19.15 2.58 15.45
C THR B 112 -18.44 2.22 14.14
N ILE B 113 -18.75 1.06 13.58
CA ILE B 113 -18.20 0.67 12.30
C ILE B 113 -18.42 1.73 11.20
N ASN B 114 -17.32 2.11 10.57
CA ASN B 114 -17.33 2.93 9.36
C ASN B 114 -17.36 2.10 8.07
N SER B 115 -18.25 2.41 7.12
CA SER B 115 -18.45 1.50 5.99
C SER B 115 -17.26 1.46 5.04
N GLN B 116 -16.57 2.57 4.88
CA GLN B 116 -15.39 2.59 4.04
C GLN B 116 -14.20 1.84 4.62
N MSE B 117 -14.01 1.95 5.94
CA MSE B 117 -12.91 1.26 6.59
C MSE B 117 -13.22 -0.20 6.58
O MSE B 117 -12.34 -1.02 6.41
CB MSE B 117 -12.69 1.78 8.02
CG MSE B 117 -12.32 3.29 8.00
SE MSE B 117 -11.68 3.76 9.81
CE MSE B 117 -11.79 5.68 9.50
N GLN B 118 -14.49 -0.52 6.76
CA GLN B 118 -14.90 -1.92 6.70
C GLN B 118 -14.57 -2.54 5.33
N ALA B 119 -14.96 -1.83 4.27
CA ALA B 119 -14.67 -2.22 2.89
C ALA B 119 -13.20 -2.45 2.71
N VAL B 120 -12.38 -1.55 3.26
CA VAL B 120 -10.95 -1.67 3.13
C VAL B 120 -10.42 -2.94 3.82
N ALA B 121 -10.88 -3.23 5.04
CA ALA B 121 -10.43 -4.40 5.73
C ALA B 121 -10.91 -5.67 5.02
N GLU B 122 -12.10 -5.63 4.46
CA GLU B 122 -12.65 -6.79 3.77
C GLU B 122 -11.86 -7.10 2.50
N ALA B 123 -11.56 -6.05 1.74
CA ALA B 123 -10.76 -6.20 0.51
C ALA B 123 -9.38 -6.75 0.80
N ALA B 124 -8.82 -6.38 1.95
CA ALA B 124 -7.49 -6.80 2.29
C ALA B 124 -7.43 -8.26 2.67
N LEU B 125 -8.56 -8.88 2.97
CA LEU B 125 -8.59 -10.29 3.36
C LEU B 125 -8.91 -11.25 2.20
N GLN B 126 -9.23 -10.71 1.03
CA GLN B 126 -9.60 -11.52 -0.13
C GLN B 126 -8.64 -12.64 -0.40
N GLY B 127 -9.15 -13.86 -0.43
CA GLY B 127 -8.31 -15.03 -0.72
C GLY B 127 -7.46 -15.52 0.43
N TYR B 128 -7.78 -15.10 1.64
CA TYR B 128 -7.10 -15.57 2.84
C TYR B 128 -8.10 -15.92 3.85
N SER B 129 -7.70 -16.77 4.77
CA SER B 129 -8.42 -16.90 6.01
C SER B 129 -7.69 -16.05 7.03
N GLY B 130 -8.45 -15.38 7.87
CA GLY B 130 -7.89 -14.61 8.96
C GLY B 130 -8.86 -13.54 9.42
N SER B 131 -8.32 -12.48 10.05
CA SER B 131 -9.15 -11.40 10.51
C SER B 131 -8.38 -10.09 10.70
N ILE B 132 -9.16 -9.01 10.73
CA ILE B 132 -8.67 -7.65 10.86
C ILE B 132 -9.59 -6.87 11.79
N VAL B 133 -8.98 -6.11 12.70
CA VAL B 133 -9.70 -5.15 13.52
C VAL B 133 -8.97 -3.83 13.37
N VAL B 134 -9.77 -2.77 13.20
CA VAL B 134 -9.27 -1.39 13.25
C VAL B 134 -10.03 -0.71 14.36
N MSE B 135 -9.31 0.02 15.22
CA MSE B 135 -9.88 0.61 16.45
C MSE B 135 -9.34 1.98 16.70
O MSE B 135 -8.19 2.29 16.34
CB MSE B 135 -9.57 -0.35 17.61
CG MSE B 135 -9.71 0.16 19.02
SE MSE B 135 -9.14 -1.30 20.27
CE MSE B 135 -10.61 -2.40 19.73
N ASP B 136 -10.16 2.82 17.33
CA ASP B 136 -9.75 4.13 17.79
C ASP B 136 -9.04 3.97 19.15
N PRO B 137 -7.79 4.39 19.26
CA PRO B 137 -7.09 4.03 20.47
C PRO B 137 -7.49 4.85 21.72
N SER B 138 -8.09 6.01 21.56
CA SER B 138 -8.42 6.74 22.76
C SER B 138 -9.76 6.30 23.36
N THR B 139 -10.59 5.64 22.57
CA THR B 139 -11.90 5.17 23.10
C THR B 139 -12.16 3.70 23.13
N GLY B 140 -11.46 2.93 22.28
CA GLY B 140 -11.76 1.50 22.06
C GLY B 140 -12.86 1.29 21.03
N ALA B 141 -13.29 2.33 20.32
CA ALA B 141 -14.37 2.15 19.36
C ALA B 141 -13.87 1.34 18.23
N VAL B 142 -14.65 0.36 17.81
CA VAL B 142 -14.29 -0.49 16.70
C VAL B 142 -14.76 0.09 15.37
N LEU B 143 -13.81 0.41 14.52
CA LEU B 143 -14.13 1.09 13.25
C LEU B 143 -14.25 0.13 12.05
N ALA B 144 -13.56 -1.01 12.15
CA ALA B 144 -13.71 -2.09 11.20
C ALA B 144 -13.40 -3.41 11.88
N LYS B 145 -14.15 -4.44 11.52
CA LYS B 145 -14.06 -5.78 12.12
C LYS B 145 -14.46 -6.75 11.02
N ALA B 146 -13.48 -7.51 10.53
CA ALA B 146 -13.67 -8.39 9.41
C ALA B 146 -13.03 -9.75 9.66
N SER B 147 -13.78 -10.78 9.34
CA SER B 147 -13.30 -12.16 9.43
C SER B 147 -13.49 -12.86 8.09
N SER B 148 -12.58 -13.78 7.79
CA SER B 148 -12.56 -14.48 6.52
C SER B 148 -12.13 -15.95 6.72
N PRO B 149 -12.83 -16.89 6.06
CA PRO B 149 -13.89 -16.62 5.04
C PRO B 149 -15.18 -16.15 5.67
N SER B 150 -16.04 -15.52 4.88
CA SER B 150 -17.28 -14.99 5.39
C SER B 150 -18.39 -15.65 4.61
N TYR B 151 -19.57 -15.07 4.69
CA TYR B 151 -20.77 -15.73 4.22
C TYR B 151 -21.74 -14.58 3.99
N THR B 152 -22.77 -14.82 3.19
CA THR B 152 -23.87 -13.88 3.04
C THR B 152 -25.01 -14.50 3.82
N HIS B 153 -25.93 -13.67 4.26
CA HIS B 153 -27.12 -14.15 4.96
C HIS B 153 -28.02 -14.98 4.09
N ALA B 154 -27.94 -14.79 2.78
CA ALA B 154 -28.73 -15.57 1.87
C ALA B 154 -28.23 -17.01 1.84
N GLU B 155 -26.95 -17.25 2.10
CA GLU B 155 -26.42 -18.62 2.21
C GLU B 155 -26.85 -19.33 3.49
N LEU B 156 -27.46 -18.64 4.45
CA LEU B 156 -27.92 -19.32 5.66
C LEU B 156 -29.09 -20.23 5.39
N GLY B 157 -29.74 -20.10 4.25
CA GLY B 157 -30.60 -21.17 3.75
C GLY B 157 -29.88 -22.41 3.22
N THR B 158 -28.56 -22.57 3.46
CA THR B 158 -27.75 -23.55 2.68
C THR B 158 -26.41 -24.07 3.25
N ILE B 159 -25.65 -23.26 3.98
CA ILE B 159 -24.41 -23.75 4.64
C ILE B 159 -24.75 -24.90 5.58
N SER B 166 -16.14 -23.27 9.28
CA SER B 166 -15.13 -22.29 9.05
C SER B 166 -15.84 -20.97 8.97
N GLN B 167 -16.65 -20.77 7.93
CA GLN B 167 -17.26 -19.46 7.60
C GLN B 167 -17.97 -18.76 8.72
N LEU B 168 -18.66 -19.51 9.55
CA LEU B 168 -19.44 -18.93 10.62
C LEU B 168 -18.64 -18.49 11.83
N VAL B 169 -17.41 -18.97 11.95
CA VAL B 169 -16.53 -18.58 13.08
C VAL B 169 -16.12 -17.11 12.95
N ASP B 170 -16.28 -16.32 14.00
CA ASP B 170 -15.77 -14.93 13.97
C ASP B 170 -14.34 -14.90 14.49
N ARG B 171 -13.40 -14.85 13.54
CA ARG B 171 -11.96 -14.95 13.87
C ARG B 171 -11.37 -13.68 14.51
N THR B 172 -12.17 -12.61 14.64
CA THR B 172 -11.73 -11.44 15.38
C THR B 172 -11.87 -11.66 16.89
N THR B 173 -12.86 -12.41 17.31
CA THR B 173 -13.23 -12.43 18.75
C THR B 173 -13.49 -13.81 19.33
N GLN B 174 -13.71 -14.79 18.49
CA GLN B 174 -14.17 -16.08 18.96
C GLN B 174 -13.29 -17.21 18.49
N ALA B 175 -12.02 -16.93 18.26
CA ALA B 175 -11.08 -17.99 17.94
C ALA B 175 -9.80 -17.59 18.63
N LEU B 176 -9.10 -18.54 19.19
CA LEU B 176 -7.84 -18.28 19.89
C LEU B 176 -6.69 -18.68 19.02
N TYR B 177 -5.60 -17.92 19.11
CA TYR B 177 -4.38 -18.19 18.37
C TYR B 177 -3.19 -18.06 19.33
N SER B 178 -2.16 -18.88 19.12
CA SER B 178 -0.82 -18.50 19.60
C SER B 178 -0.36 -17.15 18.99
N PRO B 179 -0.13 -16.12 19.80
CA PRO B 179 0.26 -14.84 19.20
C PRO B 179 1.69 -14.78 18.59
N GLY B 180 2.55 -15.71 18.94
CA GLY B 180 3.95 -15.61 18.56
C GLY B 180 4.53 -14.31 19.08
N SER B 181 5.44 -13.76 18.30
CA SER B 181 6.25 -12.61 18.69
C SER B 181 5.46 -11.31 18.80
N SER B 182 4.21 -11.26 18.35
CA SER B 182 3.40 -10.06 18.66
C SER B 182 3.28 -9.86 20.17
N PHE B 183 3.30 -10.95 20.95
CA PHE B 183 3.19 -10.88 22.39
C PHE B 183 4.44 -10.30 23.07
N LYS B 184 5.56 -10.19 22.34
CA LYS B 184 6.75 -9.58 22.95
C LYS B 184 6.48 -8.13 23.31
N THR B 185 5.43 -7.55 22.75
CA THR B 185 5.01 -6.22 23.16
C THR B 185 4.68 -6.20 24.65
N VAL B 186 4.06 -7.27 25.14
CA VAL B 186 3.65 -7.35 26.53
C VAL B 186 4.91 -7.58 27.39
N THR B 187 5.77 -8.52 26.98
CA THR B 187 7.02 -8.79 27.69
C THR B 187 7.87 -7.53 27.85
N LEU B 188 8.03 -6.80 26.73
CA LEU B 188 8.77 -5.57 26.71
C LEU B 188 8.16 -4.54 27.63
N ALA B 189 6.88 -4.32 27.51
CA ALA B 189 6.23 -3.34 28.34
C ALA B 189 6.41 -3.66 29.84
N ALA B 190 6.30 -4.93 30.19
CA ALA B 190 6.42 -5.36 31.57
C ALA B 190 7.86 -5.13 32.07
N GLY B 191 8.84 -5.38 31.17
CA GLY B 191 10.24 -5.26 31.52
C GLY B 191 10.64 -3.81 31.81
N ILE B 192 10.18 -2.93 30.97
CA ILE B 192 10.36 -1.52 31.15
C ILE B 192 9.59 -0.99 32.35
N ASP B 193 8.37 -1.41 32.55
CA ASP B 193 7.54 -0.84 33.66
C ASP B 193 7.99 -1.19 35.07
N THR B 194 8.55 -2.40 35.21
CA THR B 194 9.07 -2.90 36.50
C THR B 194 10.50 -2.36 36.69
N HIS B 195 11.04 -1.64 35.71
CA HIS B 195 12.40 -1.07 35.83
C HIS B 195 13.50 -2.12 35.89
N LYS B 196 13.27 -3.20 35.18
CA LYS B 196 14.25 -4.26 35.04
C LYS B 196 15.14 -4.20 33.80
N THR B 197 14.80 -3.34 32.85
CA THR B 197 15.59 -3.22 31.63
C THR B 197 15.28 -1.89 30.93
N THR B 198 16.06 -1.57 29.91
CA THR B 198 15.80 -0.37 29.11
C THR B 198 16.03 -0.76 27.67
N LEU B 199 15.65 0.14 26.76
CA LEU B 199 15.80 -0.11 25.36
C LEU B 199 17.23 -0.21 24.98
N ASP B 200 18.12 0.44 25.73
CA ASP B 200 19.53 0.45 25.40
C ASP B 200 20.35 -0.59 26.13
N THR B 201 19.73 -1.33 27.02
CA THR B 201 20.38 -2.45 27.69
C THR B 201 20.70 -3.56 26.68
N THR B 202 21.94 -4.03 26.64
CA THR B 202 22.34 -5.06 25.71
C THR B 202 22.02 -6.43 26.24
N TYR B 203 21.77 -7.33 25.29
CA TYR B 203 21.39 -8.70 25.57
C TYR B 203 22.15 -9.57 24.63
N SER B 204 22.52 -10.72 25.13
CA SER B 204 23.03 -11.77 24.27
C SER B 204 21.86 -12.39 23.50
N ALA B 205 22.01 -12.47 22.18
CA ALA B 205 20.98 -12.98 21.30
C ALA B 205 21.53 -14.11 20.38
N PRO B 206 22.01 -15.21 20.95
CA PRO B 206 22.59 -16.29 20.12
C PRO B 206 21.51 -17.09 19.38
N GLY B 207 21.93 -17.90 18.41
CA GLY B 207 20.99 -18.66 17.57
C GLY B 207 20.19 -19.67 18.37
N THR B 208 20.84 -20.17 19.43
CA THR B 208 20.33 -21.20 20.28
C THR B 208 20.85 -20.91 21.68
N MSE B 209 20.12 -21.30 22.72
CA MSE B 209 20.57 -21.12 24.11
C MSE B 209 19.72 -21.98 25.01
O MSE B 209 18.54 -22.19 24.75
CB MSE B 209 20.56 -19.62 24.43
CG MSE B 209 19.90 -19.22 25.75
SE MSE B 209 19.96 -17.26 26.01
CE MSE B 209 20.82 -17.29 27.75
N GLU B 210 20.31 -22.52 26.06
CA GLU B 210 19.60 -23.39 26.98
C GLU B 210 18.95 -22.50 28.00
N ILE B 211 17.66 -22.67 28.25
CA ILE B 211 16.98 -21.96 29.31
C ILE B 211 15.99 -22.93 29.94
N GLY B 212 16.13 -23.13 31.26
CA GLY B 212 15.25 -24.00 32.03
C GLY B 212 15.27 -25.43 31.56
N GLY B 213 16.45 -25.92 31.20
CA GLY B 213 16.62 -27.29 30.75
C GLY B 213 16.19 -27.55 29.31
N GLY B 214 15.57 -26.58 28.64
CA GLY B 214 15.14 -26.78 27.25
C GLY B 214 15.84 -25.78 26.35
N THR B 215 15.64 -25.86 25.05
CA THR B 215 16.35 -25.02 24.11
C THR B 215 15.43 -23.91 23.61
N ILE B 216 15.97 -22.71 23.47
CA ILE B 216 15.24 -21.62 22.85
C ILE B 216 16.09 -21.24 21.65
N HIS B 217 15.45 -20.96 20.52
CA HIS B 217 16.18 -20.59 19.32
C HIS B 217 15.61 -19.35 18.67
N ASN B 218 16.51 -18.60 18.04
CA ASN B 218 16.08 -17.55 17.12
C ASN B 218 15.61 -18.24 15.86
N TYR B 219 14.73 -17.57 15.12
CA TYR B 219 14.31 -18.03 13.78
C TYR B 219 15.53 -18.34 12.98
N ALA B 220 15.53 -19.46 12.29
CA ALA B 220 16.68 -19.89 11.46
C ALA B 220 17.99 -20.08 12.23
N ASN B 221 17.92 -20.21 13.54
CA ASN B 221 19.12 -20.20 14.39
C ASN B 221 20.11 -19.08 14.12
N GLU B 222 19.60 -17.91 13.73
CA GLU B 222 20.48 -16.76 13.51
C GLU B 222 21.15 -16.32 14.81
N ASP B 223 22.46 -16.22 14.73
CA ASP B 223 23.22 -15.68 15.81
C ASP B 223 23.31 -14.19 15.53
N MSE B 224 22.78 -13.41 16.46
CA MSE B 224 22.80 -11.95 16.36
C MSE B 224 23.90 -11.34 17.17
O MSE B 224 24.15 -10.15 17.04
CB MSE B 224 21.44 -11.39 16.77
CG MSE B 224 20.32 -12.03 15.96
SE MSE B 224 18.71 -10.97 16.32
CE MSE B 224 17.38 -11.92 15.23
N GLY B 225 24.60 -12.11 17.99
CA GLY B 225 25.61 -11.56 18.92
C GLY B 225 24.96 -10.70 20.01
N THR B 226 25.72 -9.79 20.59
CA THR B 226 25.22 -8.95 21.66
C THR B 226 24.61 -7.70 21.06
N ILE B 227 23.36 -7.38 21.39
CA ILE B 227 22.68 -6.21 20.80
C ILE B 227 21.76 -5.53 21.79
N PRO B 228 21.50 -4.24 21.59
CA PRO B 228 20.58 -3.56 22.48
C PRO B 228 19.17 -4.14 22.37
N LEU B 229 18.40 -4.04 23.42
CA LEU B 229 17.09 -4.58 23.44
C LEU B 229 16.21 -3.97 22.33
N ARG B 230 16.35 -2.68 22.02
CA ARG B 230 15.52 -2.10 20.97
C ARG B 230 15.72 -2.83 19.63
N GLU B 231 16.94 -3.28 19.41
CA GLU B 231 17.30 -4.01 18.18
C GLU B 231 16.81 -5.46 18.25
N ALA B 232 16.93 -6.11 19.41
CA ALA B 232 16.42 -7.46 19.60
C ALA B 232 14.92 -7.52 19.40
N PHE B 233 14.21 -6.47 19.82
CA PHE B 233 12.76 -6.38 19.63
C PHE B 233 12.48 -6.16 18.14
N ALA B 234 13.15 -5.19 17.56
CA ALA B 234 13.00 -4.91 16.11
C ALA B 234 13.33 -6.12 15.25
N ARG B 235 14.34 -6.91 15.60
CA ARG B 235 14.66 -8.09 14.80
C ARG B 235 13.94 -9.30 15.31
N SER B 236 13.15 -9.12 16.37
CA SER B 236 12.40 -10.21 16.95
C SER B 236 13.21 -11.48 17.34
N SER B 237 14.27 -11.32 18.12
CA SER B 237 15.04 -12.41 18.67
C SER B 237 14.31 -13.05 19.85
N ASN B 238 14.02 -14.34 19.70
CA ASN B 238 13.51 -15.16 20.80
C ASN B 238 14.50 -15.35 21.93
N THR B 239 15.76 -15.59 21.61
CA THR B 239 16.73 -15.81 22.70
C THR B 239 16.86 -14.56 23.60
N ALA B 240 16.73 -13.36 23.03
CA ALA B 240 16.87 -12.14 23.84
C ALA B 240 15.60 -11.91 24.64
N LEU B 241 14.44 -11.96 24.01
CA LEU B 241 13.23 -11.68 24.78
C LEU B 241 12.90 -12.76 25.80
N ALA B 242 13.20 -14.02 25.50
CA ALA B 242 13.09 -15.07 26.51
C ALA B 242 13.87 -14.74 27.79
N GLN B 243 15.07 -14.20 27.64
CA GLN B 243 15.83 -13.79 28.81
C GLN B 243 15.11 -12.71 29.63
N LEU B 244 14.51 -11.74 28.96
CA LEU B 244 13.73 -10.72 29.64
C LEU B 244 12.55 -11.37 30.39
N GLY B 245 11.89 -12.34 29.75
CA GLY B 245 10.80 -13.06 30.38
C GLY B 245 11.19 -13.78 31.64
N VAL B 246 12.33 -14.46 31.58
CA VAL B 246 12.85 -15.15 32.77
C VAL B 246 13.21 -14.17 33.88
N ALA B 247 13.76 -13.01 33.49
CA ALA B 247 14.09 -12.01 34.46
C ALA B 247 12.80 -11.43 35.08
N LEU B 248 11.72 -11.28 34.32
CA LEU B 248 10.44 -10.83 34.92
C LEU B 248 9.82 -11.83 35.91
N GLY B 249 9.88 -13.10 35.55
CA GLY B 249 9.24 -14.15 36.29
C GLY B 249 7.77 -14.30 35.92
N ALA B 250 7.20 -15.41 36.35
CA ALA B 250 5.86 -15.75 35.97
C ALA B 250 4.81 -14.82 36.56
N ASP B 251 4.94 -14.47 37.83
CA ASP B 251 3.96 -13.63 38.49
C ASP B 251 3.85 -12.33 37.70
N ASN B 252 4.98 -11.73 37.38
CA ASN B 252 4.96 -10.46 36.61
C ASN B 252 4.44 -10.60 35.18
N LEU B 253 4.84 -11.65 34.46
CA LEU B 253 4.41 -11.75 33.06
C LEU B 253 2.88 -11.91 32.98
N VAL B 254 2.35 -12.75 33.86
CA VAL B 254 0.88 -13.03 33.87
C VAL B 254 0.14 -11.79 34.34
N SER B 255 0.67 -11.16 35.37
CA SER B 255 0.01 -10.00 35.91
C SER B 255 -0.08 -8.84 34.87
N TYR B 256 1.01 -8.59 34.16
CA TYR B 256 0.96 -7.64 33.06
C TYR B 256 0.04 -8.03 31.90
N ALA B 257 0.07 -9.28 31.49
CA ALA B 257 -0.89 -9.77 30.50
C ALA B 257 -2.31 -9.51 30.90
N ARG B 258 -2.65 -9.77 32.17
CA ARG B 258 -4.00 -9.55 32.64
C ARG B 258 -4.37 -8.07 32.71
N ALA B 259 -3.43 -7.24 33.10
CA ALA B 259 -3.62 -5.80 33.11
C ALA B 259 -3.92 -5.25 31.69
N PHE B 260 -3.38 -5.88 30.65
CA PHE B 260 -3.75 -5.52 29.25
C PHE B 260 -5.03 -6.15 28.77
N GLY B 261 -5.66 -7.00 29.58
CA GLY B 261 -6.96 -7.61 29.26
C GLY B 261 -7.04 -9.14 29.29
N TYR B 262 -5.92 -9.87 29.38
CA TYR B 262 -6.03 -11.34 29.37
C TYR B 262 -6.90 -11.80 30.55
N GLY B 263 -7.80 -12.74 30.33
CA GLY B 263 -8.73 -13.20 31.35
C GLY B 263 -10.05 -12.44 31.36
N THR B 264 -10.17 -11.33 30.63
CA THR B 264 -11.43 -10.59 30.49
C THR B 264 -12.14 -10.87 29.15
N ALA B 265 -13.47 -10.99 29.17
CA ALA B 265 -14.30 -11.14 27.98
C ALA B 265 -14.45 -9.74 27.40
N LEU B 266 -13.47 -9.31 26.65
CA LEU B 266 -13.44 -7.94 26.11
C LEU B 266 -14.76 -7.59 25.34
N GLY B 267 -15.19 -6.35 25.44
CA GLY B 267 -16.28 -5.85 24.60
C GLY B 267 -17.38 -5.36 25.51
N GLN B 268 -17.69 -4.08 25.47
CA GLN B 268 -18.84 -3.62 26.23
C GLN B 268 -20.13 -4.19 25.69
N ASP B 269 -20.18 -4.49 24.41
CA ASP B 269 -21.46 -4.74 23.78
C ASP B 269 -21.35 -5.81 22.68
N PHE B 270 -20.32 -6.63 22.80
CA PHE B 270 -20.18 -7.80 21.95
C PHE B 270 -19.39 -8.83 22.71
N SER B 271 -19.44 -10.10 22.27
CA SER B 271 -18.74 -11.24 22.92
C SER B 271 -17.40 -11.52 22.37
N THR B 272 -16.41 -11.54 23.26
CA THR B 272 -15.03 -11.95 22.96
C THR B 272 -14.68 -13.07 23.92
N THR B 273 -14.07 -14.12 23.42
CA THR B 273 -13.61 -15.17 24.33
C THR B 273 -12.31 -14.65 24.96
N PRO B 274 -12.18 -14.76 26.28
CA PRO B 274 -11.02 -14.26 27.00
C PRO B 274 -9.71 -14.87 26.51
N SER B 275 -8.68 -14.07 26.42
CA SER B 275 -7.35 -14.54 26.10
C SER B 275 -6.77 -15.17 27.39
N LEU B 276 -5.93 -16.18 27.22
CA LEU B 276 -5.58 -17.06 28.33
C LEU B 276 -4.09 -17.04 28.65
N MSE B 277 -3.79 -17.06 29.93
CA MSE B 277 -2.43 -17.27 30.45
C MSE B 277 -2.57 -18.35 31.49
O MSE B 277 -3.64 -18.56 32.01
CB MSE B 277 -1.92 -16.02 31.18
CG MSE B 277 -1.70 -14.75 30.36
SE MSE B 277 -0.20 -15.19 29.14
CE MSE B 277 1.37 -15.28 30.34
N PRO B 278 -1.47 -19.04 31.83
CA PRO B 278 -1.54 -19.98 32.92
C PRO B 278 -1.71 -19.39 34.30
N ASN B 279 -1.91 -20.29 35.24
CA ASN B 279 -1.68 -20.01 36.64
C ASN B 279 -0.17 -19.87 36.79
N PRO B 280 0.30 -18.70 37.22
CA PRO B 280 1.75 -18.53 37.29
C PRO B 280 2.41 -19.56 38.18
N ALA B 281 1.74 -20.01 39.22
CA ALA B 281 2.33 -20.96 40.12
C ALA B 281 2.59 -22.32 39.46
N GLU B 282 1.94 -22.60 38.34
CA GLU B 282 2.17 -23.86 37.63
C GLU B 282 3.22 -23.80 36.53
N MSE B 283 3.73 -22.63 36.23
CA MSE B 283 4.57 -22.47 35.06
C MSE B 283 5.94 -22.95 35.41
O MSE B 283 6.33 -22.82 36.54
CB MSE B 283 4.65 -21.00 34.68
CG MSE B 283 3.30 -20.57 34.15
SE MSE B 283 3.37 -18.73 33.47
CE MSE B 283 4.28 -18.96 31.75
N THR B 284 6.69 -23.45 34.44
CA THR B 284 8.13 -23.76 34.64
C THR B 284 8.97 -22.73 33.92
N THR B 285 10.28 -22.76 34.14
CA THR B 285 11.18 -21.76 33.61
C THR B 285 11.23 -21.79 32.07
N TRP B 286 11.39 -22.98 31.50
CA TRP B 286 11.38 -23.15 30.05
C TRP B 286 10.03 -22.71 29.47
N GLU B 287 8.94 -23.00 30.15
CA GLU B 287 7.61 -22.61 29.66
C GLU B 287 7.51 -21.08 29.69
N LEU B 288 8.10 -20.48 30.72
CA LEU B 288 8.07 -19.00 30.87
C LEU B 288 8.81 -18.31 29.72
N ALA B 289 9.97 -18.89 29.42
CA ALA B 289 10.82 -18.42 28.35
C ALA B 289 10.05 -18.39 27.02
N TRP B 290 9.38 -19.48 26.68
CA TRP B 290 8.62 -19.48 25.44
C TRP B 290 7.37 -18.63 25.51
N ALA B 291 6.71 -18.57 26.65
CA ALA B 291 5.54 -17.75 26.78
C ALA B 291 5.88 -16.30 26.52
N SER B 292 7.05 -15.88 26.97
CA SER B 292 7.41 -14.49 26.78
C SER B 292 7.72 -14.16 25.30
N CYS B 293 7.91 -15.18 24.46
CA CYS B 293 7.99 -14.98 23.01
C CYS B 293 6.67 -15.26 22.31
N GLY B 294 5.61 -15.48 23.07
CA GLY B 294 4.29 -15.73 22.47
C GLY B 294 3.97 -17.17 22.09
N LEU B 295 4.73 -18.14 22.61
CA LEU B 295 4.47 -19.55 22.30
C LEU B 295 4.04 -20.35 23.53
N PRO B 296 2.77 -20.81 23.54
CA PRO B 296 2.29 -21.58 24.69
C PRO B 296 2.79 -23.02 24.61
N VAL B 297 3.62 -23.47 25.57
CA VAL B 297 4.10 -24.87 25.63
C VAL B 297 3.82 -25.58 26.98
N GLY B 298 3.09 -24.94 27.86
CA GLY B 298 2.84 -25.49 29.20
C GLY B 298 1.99 -26.77 29.22
N GLU B 299 2.23 -27.63 30.20
CA GLU B 299 1.40 -28.80 30.42
C GLU B 299 1.08 -28.87 31.90
N HIS B 300 -0.15 -28.56 32.28
CA HIS B 300 -0.54 -28.45 33.70
C HIS B 300 -2.03 -28.24 33.71
N ALA B 301 -2.63 -28.14 34.89
CA ALA B 301 -4.07 -28.01 35.06
C ALA B 301 -4.67 -26.76 34.38
N SER B 302 -3.97 -25.64 34.49
CA SER B 302 -4.42 -24.37 33.88
C SER B 302 -4.07 -24.34 32.40
N PRO B 303 -4.71 -23.45 31.64
CA PRO B 303 -4.46 -23.41 30.20
C PRO B 303 -3.02 -23.06 29.87
N ALA B 304 -2.52 -23.57 28.77
CA ALA B 304 -1.25 -23.07 28.27
C ALA B 304 -1.49 -21.62 27.84
N GLY B 305 -0.43 -20.84 27.79
CA GLY B 305 -0.57 -19.46 27.32
C GLY B 305 0.73 -18.82 26.85
N PRO B 306 0.63 -17.68 26.15
CA PRO B 306 -0.62 -17.01 25.80
C PRO B 306 -1.35 -17.63 24.62
N GLN B 307 -2.67 -17.54 24.71
CA GLN B 307 -3.57 -17.83 23.62
C GLN B 307 -4.39 -16.56 23.53
N THR B 308 -4.41 -15.94 22.35
CA THR B 308 -4.99 -14.65 22.17
C THR B 308 -6.09 -14.60 21.16
N THR B 309 -6.97 -13.59 21.26
CA THR B 309 -7.80 -13.21 20.16
C THR B 309 -7.14 -12.03 19.39
N VAL B 310 -7.62 -11.80 18.18
CA VAL B 310 -7.18 -10.65 17.37
C VAL B 310 -7.69 -9.31 18.00
N MSE B 311 -8.87 -9.32 18.60
CA MSE B 311 -9.36 -8.12 19.34
C MSE B 311 -8.44 -7.84 20.53
O MSE B 311 -8.14 -6.68 20.86
CB MSE B 311 -10.78 -8.43 19.74
CG MSE B 311 -11.43 -7.41 20.61
SE MSE B 311 -11.74 -5.85 19.45
CE MSE B 311 -13.06 -6.55 18.17
N GLN B 312 -7.98 -8.87 21.22
CA GLN B 312 -7.10 -8.61 22.40
C GLN B 312 -5.78 -7.97 21.95
N ASN B 313 -5.24 -8.46 20.82
CA ASN B 313 -4.04 -7.89 20.24
C ASN B 313 -4.28 -6.41 19.88
N ALA B 314 -5.45 -6.07 19.36
CA ALA B 314 -5.78 -4.67 19.12
C ALA B 314 -5.82 -3.88 20.41
N VAL B 315 -6.35 -4.46 21.48
CA VAL B 315 -6.46 -3.73 22.77
C VAL B 315 -5.06 -3.41 23.33
N ILE B 316 -4.10 -4.32 23.13
CA ILE B 316 -2.73 -4.06 23.54
C ILE B 316 -2.10 -2.94 22.76
N ALA B 317 -2.24 -2.97 21.44
CA ALA B 317 -1.66 -1.88 20.66
C ALA B 317 -2.32 -0.52 20.98
N ALA B 318 -3.62 -0.53 21.22
CA ALA B 318 -4.33 0.69 21.59
C ALA B 318 -3.87 1.23 22.95
N ALA B 319 -3.64 0.34 23.91
CA ALA B 319 -3.16 0.76 25.25
C ALA B 319 -1.80 1.43 25.17
N ILE B 320 -0.91 0.83 24.39
CA ILE B 320 0.41 1.41 24.18
C ILE B 320 0.28 2.76 23.43
N ALA B 321 -0.57 2.82 22.42
CA ALA B 321 -0.80 4.09 21.68
C ALA B 321 -1.50 5.14 22.50
N ASN B 322 -2.22 4.72 23.52
CA ASN B 322 -3.03 5.62 24.40
C ASN B 322 -2.41 5.88 25.80
N GLY B 323 -1.08 5.94 25.89
CA GLY B 323 -0.39 6.27 27.18
C GLY B 323 -0.48 5.25 28.31
N GLY B 324 -0.80 4.01 27.89
CA GLY B 324 -0.89 2.87 28.79
C GLY B 324 -2.28 2.57 29.34
N VAL B 325 -3.25 3.39 28.96
CA VAL B 325 -4.60 3.29 29.48
C VAL B 325 -5.36 2.36 28.54
N VAL B 326 -5.85 1.22 29.10
CA VAL B 326 -6.52 0.18 28.39
C VAL B 326 -7.99 0.48 28.32
N MSE B 327 -8.58 0.41 27.11
CA MSE B 327 -10.02 0.74 26.97
C MSE B 327 -10.76 -0.58 26.71
O MSE B 327 -10.22 -1.50 26.07
CB MSE B 327 -10.31 1.76 25.89
CG MSE B 327 -9.67 3.16 25.99
SE MSE B 327 -10.07 3.98 27.72
CE MSE B 327 -11.86 4.57 27.18
N ASN B 328 -12.00 -0.65 27.19
CA ASN B 328 -12.88 -1.75 26.83
C ASN B 328 -13.59 -1.49 25.51
N PRO B 329 -13.25 -2.30 24.50
CA PRO B 329 -13.70 -1.89 23.18
C PRO B 329 -15.21 -2.02 23.08
N TYR B 330 -15.77 -1.33 22.10
CA TYR B 330 -17.22 -1.32 21.91
C TYR B 330 -17.54 -1.10 20.47
N ILE B 331 -18.70 -1.58 20.10
CA ILE B 331 -19.10 -1.53 18.75
C ILE B 331 -20.44 -0.83 18.53
N VAL B 332 -21.18 -0.46 19.58
CA VAL B 332 -22.44 0.30 19.34
C VAL B 332 -22.23 1.77 19.69
N ASP B 333 -22.32 2.64 18.71
CA ASP B 333 -22.17 4.09 19.01
C ASP B 333 -23.35 4.58 19.83
N ARG B 334 -24.56 4.28 19.35
CA ARG B 334 -25.77 4.82 20.00
C ARG B 334 -27.02 4.08 19.55
N VAL B 335 -28.08 4.23 20.33
CA VAL B 335 -29.37 3.64 19.98
C VAL B 335 -30.38 4.70 19.69
N LEU B 336 -31.14 4.48 18.61
CA LEU B 336 -32.14 5.43 18.10
C LEU B 336 -33.58 4.93 18.25
N SER B 337 -34.50 5.84 18.53
CA SER B 337 -35.93 5.50 18.52
C SER B 337 -36.41 5.41 17.09
N PRO B 338 -37.59 4.79 16.87
CA PRO B 338 -38.25 4.76 15.57
C PRO B 338 -38.34 6.12 14.92
N GLU B 339 -38.54 7.17 15.71
CA GLU B 339 -38.59 8.55 15.18
C GLU B 339 -37.20 9.19 14.98
N GLY B 340 -36.13 8.48 15.36
CA GLY B 340 -34.77 8.99 15.22
C GLY B 340 -34.17 9.65 16.45
N ALA B 341 -34.98 9.87 17.49
CA ALA B 341 -34.49 10.40 18.77
C ALA B 341 -33.41 9.49 19.38
N VAL B 342 -32.33 10.07 19.88
CA VAL B 342 -31.28 9.28 20.50
C VAL B 342 -31.75 8.75 21.86
N VAL B 343 -31.98 7.44 21.95
CA VAL B 343 -32.34 6.79 23.22
C VAL B 343 -31.13 6.77 24.14
N SER B 344 -30.00 6.28 23.67
CA SER B 344 -28.81 6.27 24.50
C SER B 344 -27.54 6.35 23.68
N THR B 345 -26.44 6.59 24.39
CA THR B 345 -25.10 6.73 23.82
C THR B 345 -24.10 5.94 24.69
N THR B 346 -23.23 5.21 24.03
CA THR B 346 -22.23 4.39 24.70
C THR B 346 -21.16 5.31 25.24
N SER B 347 -20.75 5.14 26.49
CA SER B 347 -19.60 5.89 26.99
C SER B 347 -18.35 5.03 26.95
N PRO B 348 -17.24 5.59 26.47
CA PRO B 348 -16.02 4.77 26.55
C PRO B 348 -15.68 4.46 28.02
N LYS B 349 -15.08 3.29 28.27
CA LYS B 349 -14.73 2.93 29.64
C LYS B 349 -13.34 2.24 29.65
N SER B 350 -12.59 2.50 30.73
CA SER B 350 -11.24 2.01 30.84
C SER B 350 -11.22 0.72 31.60
N LEU B 351 -10.33 -0.17 31.24
CA LEU B 351 -10.09 -1.34 32.07
C LEU B 351 -8.90 -1.09 32.99
N GLY B 352 -8.39 0.13 33.01
CA GLY B 352 -7.29 0.48 33.89
C GLY B 352 -6.05 0.88 33.14
N GLN B 353 -4.98 1.11 33.90
CA GLN B 353 -3.73 1.56 33.33
C GLN B 353 -2.69 0.44 33.45
N ALA B 354 -2.36 -0.19 32.35
CA ALA B 354 -1.53 -1.36 32.39
C ALA B 354 -0.08 -1.03 32.64
N VAL B 355 0.40 0.11 32.12
CA VAL B 355 1.79 0.54 32.28
C VAL B 355 1.73 2.06 32.38
N SER B 356 2.80 2.65 32.90
CA SER B 356 2.86 4.11 32.97
C SER B 356 2.94 4.73 31.59
N ALA B 357 2.68 6.01 31.52
CA ALA B 357 2.84 6.75 30.28
C ALA B 357 4.27 6.71 29.75
N ASP B 358 5.24 6.82 30.67
CA ASP B 358 6.64 6.74 30.32
C ASP B 358 6.96 5.38 29.69
N THR B 359 6.43 4.31 30.27
CA THR B 359 6.63 2.98 29.69
C THR B 359 5.99 2.92 28.31
N ALA B 360 4.78 3.43 28.15
CA ALA B 360 4.14 3.31 26.86
C ALA B 360 4.89 4.06 25.78
N ALA B 361 5.43 5.25 26.10
CA ALA B 361 6.24 5.97 25.13
C ALA B 361 7.47 5.18 24.67
N GLN B 362 8.12 4.49 25.58
CA GLN B 362 9.25 3.61 25.22
C GLN B 362 8.86 2.45 24.32
N VAL B 363 7.72 1.84 24.61
CA VAL B 363 7.24 0.74 23.81
C VAL B 363 6.82 1.25 22.41
N ARG B 364 6.15 2.42 22.31
CA ARG B 364 5.86 3.03 21.02
C ARG B 364 7.13 3.20 20.19
N GLU B 365 8.16 3.78 20.82
CA GLU B 365 9.44 3.98 20.15
C GLU B 365 10.06 2.65 19.68
N ALA B 366 9.98 1.64 20.51
CA ALA B 366 10.46 0.32 20.09
C ALA B 366 9.67 -0.25 18.87
N MSE B 367 8.36 -0.06 18.88
CA MSE B 367 7.50 -0.47 17.79
C MSE B 367 7.78 0.32 16.50
O MSE B 367 7.70 -0.22 15.41
CB MSE B 367 6.03 -0.37 18.24
CG MSE B 367 5.71 -1.48 19.30
SE MSE B 367 3.84 -1.23 19.96
CE MSE B 367 2.89 -2.65 19.02
N LEU B 368 8.15 1.60 16.59
CA LEU B 368 8.54 2.33 15.42
C LEU B 368 9.80 1.67 14.77
N GLY B 369 10.72 1.23 15.61
CA GLY B 369 11.93 0.48 15.22
C GLY B 369 11.60 -0.73 14.41
N VAL B 370 10.59 -1.47 14.85
CA VAL B 370 10.17 -2.68 14.14
C VAL B 370 9.87 -2.37 12.65
N VAL B 371 9.10 -1.29 12.45
CA VAL B 371 8.61 -0.95 11.12
C VAL B 371 9.68 -0.25 10.29
N GLU B 372 10.47 0.64 10.93
CA GLU B 372 11.53 1.40 10.28
C GLU B 372 12.80 0.57 9.94
N SER B 373 13.21 -0.39 10.75
CA SER B 373 14.44 -1.05 10.42
C SER B 373 14.44 -2.53 10.72
N GLY B 374 13.29 -3.08 11.10
CA GLY B 374 13.21 -4.45 11.63
C GLY B 374 12.30 -5.32 10.80
N THR B 375 11.66 -6.27 11.45
CA THR B 375 10.82 -7.26 10.75
C THR B 375 9.53 -6.72 10.15
N GLY B 376 9.17 -5.48 10.50
CA GLY B 376 7.92 -4.91 10.06
C GLY B 376 8.09 -3.93 8.91
N MSE B 377 9.23 -3.98 8.20
CA MSE B 377 9.50 -2.97 7.14
C MSE B 377 8.47 -3.01 6.05
O MSE B 377 8.23 -1.99 5.36
CB MSE B 377 10.94 -3.06 6.59
CG MSE B 377 11.96 -2.50 7.61
SE MSE B 377 13.85 -2.88 7.08
CE MSE B 377 13.84 -1.45 5.72
N GLY B 378 7.85 -4.17 5.87
CA GLY B 378 6.76 -4.35 4.91
C GLY B 378 5.50 -3.59 5.25
N ALA B 379 5.34 -3.16 6.50
CA ALA B 379 4.22 -2.30 6.90
C ALA B 379 4.39 -0.86 6.54
N ARG B 380 5.57 -0.44 6.10
CA ARG B 380 5.79 0.99 5.82
C ARG B 380 4.97 1.45 4.62
N VAL B 381 4.52 2.70 4.67
CA VAL B 381 3.75 3.34 3.61
C VAL B 381 4.42 4.67 3.42
N PRO B 382 4.74 5.00 2.18
CA PRO B 382 5.42 6.27 2.01
C PRO B 382 4.52 7.43 2.42
N GLY B 383 5.09 8.39 3.10
CA GLY B 383 4.36 9.60 3.48
C GLY B 383 3.68 9.50 4.85
N VAL B 384 3.76 8.35 5.49
CA VAL B 384 3.14 8.24 6.81
C VAL B 384 4.00 7.39 7.73
N LYS B 385 3.94 7.72 9.02
CA LYS B 385 4.77 7.08 10.03
C LYS B 385 3.98 6.02 10.79
N ILE B 386 4.43 4.77 10.64
CA ILE B 386 3.73 3.60 11.13
C ILE B 386 4.61 2.82 12.07
N ALA B 387 4.04 2.42 13.18
CA ALA B 387 4.76 1.64 14.19
C ALA B 387 3.99 0.38 14.47
N GLY B 388 4.68 -0.69 14.79
CA GLY B 388 3.98 -1.92 15.14
C GLY B 388 4.84 -3.06 15.60
N LYS B 389 4.24 -4.24 15.68
CA LYS B 389 4.97 -5.47 16.05
C LYS B 389 4.36 -6.64 15.30
N THR B 390 5.27 -7.42 14.71
CA THR B 390 4.96 -8.58 13.92
C THR B 390 4.98 -9.79 14.77
N GLY B 391 4.37 -10.87 14.27
CA GLY B 391 4.50 -12.19 14.84
C GLY B 391 4.27 -13.31 13.83
N THR B 392 4.89 -14.47 14.09
CA THR B 392 4.63 -15.69 13.35
C THR B 392 4.54 -16.89 14.31
N ALA B 393 3.61 -17.80 14.06
CA ALA B 393 3.47 -19.00 14.88
C ALA B 393 3.01 -20.22 14.07
N ASP B 394 3.66 -21.34 14.38
CA ASP B 394 3.38 -22.65 13.80
C ASP B 394 2.07 -23.20 14.27
N VAL B 395 1.37 -23.87 13.36
CA VAL B 395 0.16 -24.61 13.69
C VAL B 395 0.35 -26.07 13.26
N GLU B 396 -0.73 -26.84 13.21
CA GLU B 396 -0.68 -28.23 12.74
C GLU B 396 -0.25 -28.40 11.27
N ASN B 397 0.27 -29.60 10.96
CA ASN B 397 0.65 -29.98 9.60
C ASN B 397 1.69 -29.04 8.96
N GLY B 398 2.48 -28.34 9.78
CA GLY B 398 3.55 -27.49 9.27
C GLY B 398 3.16 -26.11 8.79
N ASN B 399 1.86 -25.77 8.82
CA ASN B 399 1.43 -24.42 8.38
C ASN B 399 1.86 -23.41 9.42
N PHE B 400 1.63 -22.14 9.11
CA PHE B 400 1.77 -21.09 10.11
C PHE B 400 0.93 -19.87 9.82
N ASN B 401 0.79 -19.04 10.86
CA ASN B 401 0.00 -17.82 10.84
C ASN B 401 0.87 -16.60 11.01
N SER B 402 0.47 -15.51 10.38
CA SER B 402 1.23 -14.27 10.43
C SER B 402 0.41 -13.20 11.12
N PHE B 403 1.03 -12.49 12.07
CA PHE B 403 0.36 -11.48 12.87
C PHE B 403 0.98 -10.08 12.67
N PHE B 404 0.17 -9.05 12.88
CA PHE B 404 0.67 -7.69 13.01
C PHE B 404 -0.28 -6.89 13.87
N ILE B 405 0.30 -6.13 14.82
CA ILE B 405 -0.41 -5.07 15.49
C ILE B 405 0.35 -3.79 15.30
N GLY B 406 -0.39 -2.71 15.19
CA GLY B 406 0.31 -1.44 15.07
C GLY B 406 -0.60 -0.28 15.08
N PHE B 407 -0.01 0.90 14.91
CA PHE B 407 -0.77 2.14 15.00
C PHE B 407 -0.17 3.23 14.15
N ALA B 408 -0.98 4.27 13.97
CA ALA B 408 -0.55 5.40 13.17
C ALA B 408 -1.49 6.59 13.34
N PRO B 409 -1.00 7.79 13.05
CA PRO B 409 0.42 8.09 12.80
C PRO B 409 1.19 8.01 14.12
N TYR B 410 2.49 7.79 14.04
CA TYR B 410 3.33 7.58 15.22
C TYR B 410 3.17 8.68 16.27
N ASP B 411 3.40 9.91 15.89
CA ASP B 411 3.10 11.02 16.81
C ASP B 411 1.57 11.15 16.73
N HIS B 412 0.89 11.21 17.84
CA HIS B 412 -0.58 11.39 17.82
C HIS B 412 -1.35 10.32 17.07
N PRO B 413 -1.26 9.09 17.55
CA PRO B 413 -1.97 8.00 16.91
C PRO B 413 -3.46 8.21 16.88
N THR B 414 -4.12 7.93 15.76
CA THR B 414 -5.58 7.96 15.73
C THR B 414 -6.20 6.63 15.29
N LEU B 415 -5.40 5.65 14.95
CA LEU B 415 -5.89 4.33 14.56
C LEU B 415 -4.92 3.24 15.01
N VAL B 416 -5.49 2.06 15.27
CA VAL B 416 -4.80 0.87 15.62
C VAL B 416 -5.31 -0.24 14.74
N VAL B 417 -4.43 -1.14 14.31
CA VAL B 417 -4.84 -2.32 13.55
C VAL B 417 -4.30 -3.55 14.19
N SER B 418 -5.05 -4.64 14.05
CA SER B 418 -4.63 -5.96 14.45
C SER B 418 -5.09 -6.94 13.37
N VAL B 419 -4.16 -7.80 12.98
CA VAL B 419 -4.31 -8.69 11.85
C VAL B 419 -3.79 -10.10 12.17
N VAL B 420 -4.53 -11.12 11.70
CA VAL B 420 -3.95 -12.45 11.52
C VAL B 420 -4.23 -12.89 10.08
N ILE B 421 -3.22 -13.46 9.43
CA ILE B 421 -3.40 -14.16 8.17
C ILE B 421 -2.98 -15.61 8.38
N GLU B 422 -3.92 -16.54 8.16
CA GLU B 422 -3.63 -17.95 8.37
C GLU B 422 -2.96 -18.53 7.15
N GLY B 423 -1.90 -19.29 7.35
CA GLY B 423 -1.14 -19.83 6.22
C GLY B 423 -1.86 -20.96 5.53
N ASN B 424 -2.38 -21.88 6.32
CA ASN B 424 -2.97 -23.12 5.79
C ASN B 424 -1.89 -23.85 4.95
N GLY B 425 -2.13 -24.11 3.68
CA GLY B 425 -1.05 -24.63 2.85
C GLY B 425 0.06 -23.60 2.72
N GLU B 426 -0.35 -22.36 2.48
CA GLU B 426 0.50 -21.39 1.81
C GLU B 426 1.50 -20.68 2.76
N ASN B 427 2.56 -20.14 2.16
CA ASN B 427 3.59 -19.42 2.91
C ASN B 427 3.33 -17.90 3.00
N VAL B 428 2.81 -17.49 4.15
CA VAL B 428 2.31 -16.12 4.35
C VAL B 428 3.23 -15.31 5.28
N LEU B 429 4.53 -15.64 5.27
CA LEU B 429 5.56 -14.96 6.09
C LEU B 429 5.65 -13.46 5.78
N GLY B 430 5.41 -12.62 6.77
CA GLY B 430 5.41 -11.18 6.58
C GLY B 430 4.11 -10.60 6.06
N TYR B 431 3.10 -11.43 5.80
CA TYR B 431 1.87 -10.92 5.18
C TYR B 431 1.02 -10.07 6.13
N GLY B 432 1.10 -10.35 7.43
CA GLY B 432 0.35 -9.58 8.40
C GLY B 432 0.72 -8.11 8.37
N ALA B 433 2.04 -7.88 8.34
CA ALA B 433 2.62 -6.55 8.20
C ALA B 433 2.21 -5.87 6.92
N GLN B 434 2.34 -6.57 5.79
CA GLN B 434 1.98 -5.98 4.50
C GLN B 434 0.52 -5.52 4.61
N VAL B 435 -0.32 -6.40 5.12
CA VAL B 435 -1.78 -6.11 5.17
C VAL B 435 -2.09 -4.95 6.11
N GLY B 436 -1.48 -5.01 7.30
CA GLY B 436 -1.67 -4.05 8.34
C GLY B 436 -1.22 -2.65 7.93
N GLY B 437 -0.06 -2.53 7.32
CA GLY B 437 0.34 -1.20 6.81
C GLY B 437 -0.66 -0.61 5.79
N ARG B 438 -1.06 -1.44 4.84
CA ARG B 438 -1.96 -1.02 3.80
C ARG B 438 -3.30 -0.58 4.38
N VAL B 439 -3.80 -1.36 5.32
CA VAL B 439 -5.05 -1.02 5.95
C VAL B 439 -4.99 0.32 6.68
N LEU B 440 -3.93 0.53 7.47
CA LEU B 440 -3.79 1.74 8.26
C LEU B 440 -3.77 2.97 7.36
N ALA B 441 -2.97 2.89 6.30
CA ALA B 441 -2.82 4.00 5.41
C ALA B 441 -4.13 4.36 4.71
N GLN B 442 -4.86 3.36 4.22
CA GLN B 442 -6.14 3.65 3.55
C GLN B 442 -7.19 4.13 4.52
N CYS B 443 -7.17 3.63 5.77
CA CYS B 443 -8.11 4.09 6.77
C CYS B 443 -7.81 5.52 7.18
N LEU B 444 -6.53 5.86 7.34
CA LEU B 444 -6.15 7.25 7.56
C LEU B 444 -6.64 8.21 6.46
N ASN B 445 -6.54 7.82 5.20
CA ASN B 445 -7.04 8.65 4.10
C ASN B 445 -8.55 8.78 4.16
N ILE B 446 -9.25 7.70 4.51
CA ILE B 446 -10.68 7.83 4.74
C ILE B 446 -10.91 8.87 5.83
N GLN B 447 -10.16 8.72 6.91
CA GLN B 447 -10.23 9.61 8.08
C GLN B 447 -9.93 11.08 7.75
N ALA B 448 -9.08 11.33 6.75
CA ALA B 448 -8.87 12.69 6.26
C ALA B 448 -10.15 13.28 5.65
N LEU B 449 -10.81 12.58 4.73
CA LEU B 449 -12.03 13.11 4.05
C LEU B 449 -12.87 14.04 4.92
O2 NXU C . 17.02 -9.03 -7.16
C11 NXU C . 16.74 -7.87 -7.36
N1 NXU C . 15.71 -7.49 -8.03
C12 NXU C . 14.73 -8.24 -8.78
C13 NXU C . 13.53 -8.83 -7.97
S1 NXU C . 13.29 -8.64 -6.17
C15 NXU C . 11.97 -7.31 -6.04
C19 NXU C . 12.67 -6.73 -4.82
C20 NXU C . 10.89 -8.33 -5.75
C16 NXU C . 12.22 -6.75 -7.34
C21 NXU C . 10.99 -5.97 -7.74
O5 NXU C . 10.94 -4.87 -7.15
O4 NXU C . 10.05 -6.32 -8.48
N2 NXU C . 12.66 -7.63 -8.45
C14 NXU C . 14.29 -7.18 -9.84
O3 NXU C . 14.59 -5.93 -9.77
C1 NXU C . 17.55 -6.71 -6.86
C2 NXU C . 18.62 -6.18 -7.74
C3 NXU C . 19.39 -5.08 -7.32
O1 NXU C . 18.85 -6.76 -8.95
C9 NXU C . 17.32 -6.01 -5.54
C8 NXU C . 16.33 -6.40 -4.63
C7 NXU C . 16.20 -5.70 -3.42
C6 NXU C . 17.04 -4.62 -3.11
C5 NXU C . 18.04 -4.20 -3.99
C10 NXU C . 18.20 -4.86 -5.20
C4 NXU C . 19.18 -4.45 -6.08
O2 NXU D . 10.82 -17.81 15.45
C11 NXU D . 9.63 -17.63 15.23
N1 NXU D . 9.01 -16.48 15.38
C12 NXU D . 9.50 -15.27 16.00
C13 NXU D . 10.39 -14.34 15.13
S1 NXU D . 10.79 -14.60 13.39
C15 NXU D . 9.62 -13.52 12.51
C19 NXU D . 9.41 -14.62 11.49
C20 NXU D . 10.61 -12.55 12.07
C16 NXU D . 8.72 -13.47 13.74
C21 NXU D . 7.85 -12.26 13.28
O5 NXU D . 8.09 -11.14 13.81
O4 NXU D . 6.96 -12.47 12.40
N2 NXU D . 9.23 -13.52 15.04
C14 NXU D . 8.21 -14.58 16.55
O3 NXU D . 7.05 -14.99 16.23
C1 NXU D . 8.69 -18.70 14.75
C2 NXU D . 7.99 -19.53 15.77
C3 NXU D . 7.11 -20.55 15.37
O1 NXU D . 8.23 -19.30 17.09
C9 NXU D . 8.40 -18.95 13.30
C8 NXU D . 8.99 -18.25 12.26
C7 NXU D . 8.67 -18.58 10.95
C6 NXU D . 7.78 -19.60 10.64
C5 NXU D . 7.17 -20.34 11.65
C10 NXU D . 7.46 -20.04 12.99
C4 NXU D . 6.86 -20.78 14.01
#